data_2K8F
#
_entry.id   2K8F
#
loop_
_entity.id
_entity.type
_entity.pdbx_description
1 polymer 'Histone acetyltransferase p300'
2 polymer 'Cellular tumor antigen p53'
#
loop_
_entity_poly.entity_id
_entity_poly.type
_entity_poly.pdbx_seq_one_letter_code
_entity_poly.pdbx_strand_id
1 'polypeptide(L)'
;ATQSPGDSRRLSIQRAIQSLVHAAQCRNANCSLPSCQKMKRVVQHTKGCKRKTNGGCPICKQLIALAAYHAKHCQENKCP
VPFCLNIKQK
;
A
2 'polypeptide(L)' MEEPQSDPSVEPPLSQETFSDLWKLLPENNVLSPLPSQA B
#
# COMPACT_ATOMS: atom_id res chain seq x y z
N ALA A 1 -24.05 13.39 -3.42
CA ALA A 1 -24.69 13.16 -2.10
C ALA A 1 -24.37 11.74 -1.62
N THR A 2 -23.85 10.93 -2.53
CA THR A 2 -23.51 9.54 -2.19
C THR A 2 -22.36 9.50 -1.19
N GLN A 3 -21.47 10.49 -1.27
CA GLN A 3 -20.31 10.58 -0.39
C GLN A 3 -20.57 9.93 0.97
N SER A 4 -19.64 9.09 1.41
CA SER A 4 -19.78 8.40 2.68
C SER A 4 -18.45 7.78 3.08
N PRO A 5 -18.39 7.06 4.16
CA PRO A 5 -17.14 6.40 4.61
C PRO A 5 -16.63 5.54 3.48
N GLY A 6 -17.58 4.98 2.75
CA GLY A 6 -17.26 4.16 1.62
C GLY A 6 -16.42 4.97 0.64
N ASP A 7 -16.73 6.26 0.59
CA ASP A 7 -16.00 7.18 -0.28
C ASP A 7 -14.72 7.60 0.42
N SER A 8 -14.77 7.59 1.75
CA SER A 8 -13.61 7.93 2.55
C SER A 8 -12.58 6.81 2.45
N ARG A 9 -13.11 5.59 2.38
CA ARG A 9 -12.26 4.41 2.26
C ARG A 9 -11.62 4.42 0.88
N ARG A 10 -12.39 4.87 -0.09
CA ARG A 10 -11.90 4.97 -1.46
C ARG A 10 -10.90 6.11 -1.56
N LEU A 11 -11.14 7.14 -0.77
CA LEU A 11 -10.24 8.28 -0.74
C LEU A 11 -9.00 7.90 0.09
N SER A 12 -9.19 6.99 1.04
CA SER A 12 -8.10 6.55 1.87
C SER A 12 -7.06 5.82 1.02
N ILE A 13 -7.53 4.90 0.19
CA ILE A 13 -6.63 4.16 -0.67
C ILE A 13 -6.09 5.04 -1.81
N GLN A 14 -6.87 6.05 -2.20
CA GLN A 14 -6.47 6.96 -3.26
C GLN A 14 -5.21 7.70 -2.85
N ARG A 15 -5.18 8.13 -1.60
CA ARG A 15 -4.03 8.82 -1.05
C ARG A 15 -2.88 7.86 -0.89
N ALA A 16 -3.20 6.64 -0.46
CA ALA A 16 -2.18 5.62 -0.31
C ALA A 16 -1.70 5.24 -1.69
N ILE A 17 -2.64 5.16 -2.62
CA ILE A 17 -2.33 4.84 -4.00
C ILE A 17 -1.48 5.96 -4.58
N GLN A 18 -1.90 7.19 -4.37
CA GLN A 18 -1.14 8.31 -4.89
C GLN A 18 0.32 8.19 -4.46
N SER A 19 0.57 7.69 -3.25
CA SER A 19 1.94 7.51 -2.80
C SER A 19 2.47 6.14 -3.22
N LEU A 20 1.64 5.11 -3.13
CA LEU A 20 2.11 3.80 -3.55
C LEU A 20 2.42 3.81 -5.04
N VAL A 21 1.47 4.28 -5.84
CA VAL A 21 1.69 4.34 -7.28
C VAL A 21 2.86 5.28 -7.58
N HIS A 22 2.87 6.46 -6.95
CA HIS A 22 3.95 7.42 -7.19
C HIS A 22 5.27 6.92 -6.60
N ALA A 23 5.24 6.51 -5.35
CA ALA A 23 6.45 6.01 -4.69
C ALA A 23 6.98 4.75 -5.36
N ALA A 24 6.07 3.98 -5.96
CA ALA A 24 6.47 2.74 -6.61
C ALA A 24 6.82 2.98 -8.07
N GLN A 25 6.64 4.20 -8.52
CA GLN A 25 6.95 4.59 -9.90
C GLN A 25 8.04 5.64 -9.92
N CYS A 26 8.09 6.45 -8.88
CA CYS A 26 9.12 7.47 -8.76
C CYS A 26 10.18 6.98 -7.80
N ARG A 27 11.06 6.13 -8.31
CA ARG A 27 12.12 5.57 -7.50
C ARG A 27 13.30 6.55 -7.49
N ASN A 28 12.98 7.79 -7.13
CA ASN A 28 14.00 8.83 -7.09
C ASN A 28 14.96 8.59 -5.91
N ALA A 29 14.36 8.23 -4.77
CA ALA A 29 15.10 7.98 -3.52
C ALA A 29 15.05 9.21 -2.63
N ASN A 30 15.27 10.38 -3.24
CA ASN A 30 15.27 11.64 -2.51
C ASN A 30 13.88 12.30 -2.58
N CYS A 31 12.89 11.53 -3.03
CA CYS A 31 11.52 12.03 -3.17
C CYS A 31 11.21 13.09 -2.11
N SER A 32 10.63 14.21 -2.54
CA SER A 32 10.32 15.31 -1.60
C SER A 32 8.94 15.18 -0.99
N LEU A 33 8.28 14.03 -1.22
CA LEU A 33 6.96 13.80 -0.64
C LEU A 33 7.13 12.90 0.58
N PRO A 34 7.04 13.43 1.78
CA PRO A 34 7.23 12.59 2.99
C PRO A 34 6.45 11.28 2.88
N SER A 35 5.31 11.34 2.21
CA SER A 35 4.50 10.15 2.01
C SER A 35 5.26 9.13 1.17
N CYS A 36 6.06 9.60 0.22
CA CYS A 36 6.82 8.68 -0.62
C CYS A 36 7.92 8.00 0.18
N GLN A 37 8.76 8.80 0.83
CA GLN A 37 9.86 8.26 1.60
C GLN A 37 9.38 7.23 2.59
N LYS A 38 8.22 7.51 3.17
CA LYS A 38 7.66 6.61 4.15
C LYS A 38 7.09 5.38 3.43
N MET A 39 6.60 5.59 2.20
CA MET A 39 6.06 4.47 1.43
C MET A 39 7.21 3.63 0.91
N LYS A 40 8.31 4.27 0.58
CA LYS A 40 9.44 3.50 0.12
C LYS A 40 9.90 2.67 1.28
N ARG A 41 9.90 3.29 2.42
CA ARG A 41 10.28 2.62 3.64
C ARG A 41 9.45 1.34 3.75
N VAL A 42 8.17 1.47 3.39
CA VAL A 42 7.22 0.36 3.40
C VAL A 42 7.50 -0.63 2.27
N VAL A 43 7.69 -0.12 1.05
CA VAL A 43 7.97 -0.98 -0.10
C VAL A 43 9.37 -1.57 0.01
N GLN A 44 10.33 -0.68 0.23
CA GLN A 44 11.71 -1.08 0.40
C GLN A 44 11.78 -2.15 1.50
N HIS A 45 10.93 -2.02 2.53
CA HIS A 45 10.90 -3.02 3.59
C HIS A 45 10.11 -4.24 3.14
N THR A 46 9.02 -4.01 2.42
CA THR A 46 8.17 -5.11 1.99
C THR A 46 8.99 -6.20 1.33
N LYS A 47 9.85 -5.83 0.42
CA LYS A 47 10.65 -6.83 -0.25
C LYS A 47 11.76 -7.35 0.66
N GLY A 48 12.33 -6.47 1.47
CA GLY A 48 13.40 -6.87 2.37
C GLY A 48 13.04 -8.14 3.11
N CYS A 49 11.73 -8.37 3.27
CA CYS A 49 11.25 -9.58 3.97
C CYS A 49 10.52 -10.50 2.97
N LYS A 50 10.92 -11.78 2.93
CA LYS A 50 10.30 -12.75 2.03
C LYS A 50 9.00 -13.27 2.63
N ARG A 51 8.96 -13.37 3.95
CA ARG A 51 7.76 -13.84 4.63
C ARG A 51 6.67 -12.79 4.50
N LYS A 52 7.06 -11.54 4.56
CA LYS A 52 6.14 -10.43 4.45
C LYS A 52 5.57 -10.34 3.05
N THR A 53 6.43 -10.56 2.06
CA THR A 53 6.00 -10.47 0.68
C THR A 53 4.94 -11.52 0.37
N ASN A 54 4.86 -12.54 1.22
CA ASN A 54 3.88 -13.59 1.03
C ASN A 54 2.56 -13.19 1.66
N GLY A 55 2.50 -11.98 2.23
CA GLY A 55 1.27 -11.52 2.88
C GLY A 55 1.40 -11.65 4.39
N GLY A 56 2.55 -12.14 4.83
CA GLY A 56 2.80 -12.35 6.25
C GLY A 56 2.37 -11.12 7.05
N CYS A 57 2.82 -9.94 6.62
CA CYS A 57 2.50 -8.73 7.32
C CYS A 57 1.16 -8.14 6.92
N PRO A 58 0.36 -7.68 7.85
CA PRO A 58 -0.92 -7.01 7.50
C PRO A 58 -0.65 -5.93 6.45
N ILE A 59 0.57 -5.39 6.48
CA ILE A 59 0.97 -4.38 5.50
C ILE A 59 1.00 -5.00 4.13
N CYS A 60 1.59 -6.20 4.01
CA CYS A 60 1.63 -6.86 2.72
C CYS A 60 0.28 -7.44 2.39
N LYS A 61 -0.37 -8.01 3.38
CA LYS A 61 -1.68 -8.58 3.13
C LYS A 61 -2.61 -7.51 2.58
N GLN A 62 -2.65 -6.37 3.26
CA GLN A 62 -3.48 -5.26 2.84
C GLN A 62 -2.96 -4.62 1.54
N LEU A 63 -1.63 -4.46 1.46
CA LEU A 63 -1.03 -3.85 0.27
C LEU A 63 -1.25 -4.73 -0.95
N ILE A 64 -1.13 -6.04 -0.76
CA ILE A 64 -1.35 -6.98 -1.87
C ILE A 64 -2.78 -6.83 -2.37
N ALA A 65 -3.72 -6.72 -1.45
CA ALA A 65 -5.11 -6.55 -1.82
C ALA A 65 -5.30 -5.21 -2.52
N LEU A 66 -4.70 -4.16 -1.95
CA LEU A 66 -4.78 -2.84 -2.56
C LEU A 66 -4.16 -2.92 -3.94
N ALA A 67 -3.06 -3.66 -4.02
CA ALA A 67 -2.36 -3.88 -5.26
C ALA A 67 -3.27 -4.68 -6.19
N ALA A 68 -4.05 -5.58 -5.62
CA ALA A 68 -4.94 -6.41 -6.41
C ALA A 68 -5.95 -5.52 -7.16
N TYR A 69 -6.56 -4.59 -6.44
CA TYR A 69 -7.52 -3.68 -7.05
C TYR A 69 -6.85 -2.85 -8.15
N HIS A 70 -5.67 -2.30 -7.85
CA HIS A 70 -4.96 -1.48 -8.84
C HIS A 70 -4.43 -2.31 -10.00
N ALA A 71 -3.75 -3.41 -9.68
CA ALA A 71 -3.18 -4.27 -10.72
C ALA A 71 -4.29 -4.82 -11.62
N LYS A 72 -5.51 -4.89 -11.09
CA LYS A 72 -6.64 -5.37 -11.86
C LYS A 72 -7.11 -4.27 -12.82
N HIS A 73 -7.43 -3.10 -12.27
CA HIS A 73 -7.88 -2.00 -13.10
C HIS A 73 -6.82 -1.67 -14.14
N CYS A 74 -5.56 -1.68 -13.71
CA CYS A 74 -4.47 -1.43 -14.65
C CYS A 74 -4.28 -2.68 -15.49
N GLN A 75 -4.76 -2.63 -16.73
CA GLN A 75 -4.67 -3.77 -17.62
C GLN A 75 -3.28 -3.87 -18.22
N GLU A 76 -2.47 -2.87 -17.89
CA GLU A 76 -1.09 -2.81 -18.38
C GLU A 76 -0.13 -3.12 -17.27
N ASN A 77 0.92 -3.85 -17.62
CA ASN A 77 1.93 -4.20 -16.64
C ASN A 77 2.85 -3.03 -16.45
N LYS A 78 2.46 -2.11 -15.55
CA LYS A 78 3.25 -0.92 -15.28
C LYS A 78 4.74 -1.21 -15.46
N CYS A 79 5.28 -2.05 -14.56
CA CYS A 79 6.69 -2.50 -14.60
C CYS A 79 7.42 -2.30 -13.26
N PRO A 80 7.55 -1.10 -12.74
CA PRO A 80 8.25 -0.89 -11.44
C PRO A 80 7.50 -1.53 -10.27
N VAL A 81 6.17 -1.56 -10.36
CA VAL A 81 5.34 -2.13 -9.29
C VAL A 81 5.64 -3.64 -9.14
N PRO A 82 6.26 -4.09 -8.05
CA PRO A 82 6.59 -5.54 -7.88
C PRO A 82 5.38 -6.48 -8.02
N PHE A 83 4.33 -6.17 -7.30
CA PHE A 83 3.13 -7.01 -7.30
C PHE A 83 2.52 -7.15 -8.69
N CYS A 84 2.38 -6.04 -9.40
CA CYS A 84 1.78 -6.10 -10.73
C CYS A 84 2.50 -7.15 -11.57
N LEU A 85 3.82 -7.14 -11.49
CA LEU A 85 4.60 -8.12 -12.24
C LEU A 85 4.26 -9.52 -11.73
N ASN A 86 4.10 -9.66 -10.43
CA ASN A 86 3.80 -10.95 -9.84
C ASN A 86 2.42 -11.44 -10.22
N ILE A 87 1.50 -10.53 -10.50
CA ILE A 87 0.13 -10.91 -10.85
C ILE A 87 -0.10 -10.87 -12.36
N LYS A 88 0.35 -9.79 -13.01
CA LYS A 88 0.16 -9.64 -14.45
C LYS A 88 1.23 -10.35 -15.28
N GLN A 89 2.49 -10.35 -14.83
CA GLN A 89 3.54 -11.03 -15.60
C GLN A 89 3.47 -12.53 -15.38
N LYS A 90 3.09 -12.95 -14.17
CA LYS A 90 2.99 -14.38 -13.87
C LYS A 90 1.56 -14.87 -14.09
N MET B 1 -24.33 -3.64 16.44
CA MET B 1 -25.61 -4.26 16.90
C MET B 1 -25.87 -3.86 18.34
N GLU B 2 -24.80 -3.56 19.07
CA GLU B 2 -24.92 -3.17 20.46
C GLU B 2 -25.65 -1.82 20.56
N GLU B 3 -25.45 -0.96 19.57
CA GLU B 3 -26.11 0.35 19.52
C GLU B 3 -25.46 1.22 18.44
N PRO B 4 -24.15 1.28 18.40
CA PRO B 4 -23.42 2.09 17.39
C PRO B 4 -23.82 1.74 15.96
N GLN B 5 -24.12 0.44 15.77
CA GLN B 5 -24.50 -0.14 14.48
C GLN B 5 -23.26 -0.65 13.76
N SER B 6 -23.44 -1.64 12.88
CA SER B 6 -22.34 -2.26 12.12
C SER B 6 -21.08 -1.40 12.12
N ASP B 7 -20.02 -1.89 12.75
CA ASP B 7 -18.76 -1.18 12.83
C ASP B 7 -17.77 -1.63 11.74
N PRO B 8 -17.81 -2.86 11.31
CA PRO B 8 -16.88 -3.37 10.26
C PRO B 8 -16.90 -2.51 8.99
N SER B 9 -18.07 -1.95 8.67
CA SER B 9 -18.20 -1.11 7.46
C SER B 9 -18.21 0.36 7.82
N VAL B 10 -18.57 0.65 9.06
CA VAL B 10 -18.62 2.02 9.55
C VAL B 10 -17.38 2.34 10.39
N GLU B 11 -16.29 2.67 9.71
CA GLU B 11 -15.03 2.97 10.39
C GLU B 11 -14.73 4.47 10.34
N PRO B 12 -14.99 5.22 11.40
CA PRO B 12 -14.74 6.70 11.42
C PRO B 12 -13.41 7.08 10.77
N PRO B 13 -13.40 7.58 9.55
CA PRO B 13 -12.14 7.97 8.86
C PRO B 13 -11.34 9.01 9.66
N LEU B 14 -10.07 8.71 9.91
CA LEU B 14 -9.20 9.61 10.67
C LEU B 14 -8.21 10.30 9.73
N SER B 15 -8.38 10.06 8.43
CA SER B 15 -7.50 10.63 7.41
C SER B 15 -6.29 9.74 7.18
N GLN B 16 -5.91 8.98 8.21
CA GLN B 16 -4.76 8.09 8.14
C GLN B 16 -5.25 6.66 8.25
N GLU B 17 -6.45 6.41 7.76
CA GLU B 17 -7.04 5.09 7.83
C GLU B 17 -6.03 4.04 7.39
N THR B 18 -5.56 4.15 6.15
CA THR B 18 -4.58 3.19 5.63
C THR B 18 -3.20 3.49 6.16
N PHE B 19 -2.75 4.74 5.97
CA PHE B 19 -1.43 5.15 6.42
C PHE B 19 -1.09 4.47 7.74
N SER B 20 -2.00 4.66 8.70
CA SER B 20 -1.84 4.09 10.04
C SER B 20 -1.09 2.77 9.98
N ASP B 21 -1.68 1.81 9.29
CA ASP B 21 -1.08 0.51 9.16
C ASP B 21 0.25 0.54 8.41
N LEU B 22 0.29 1.24 7.29
CA LEU B 22 1.50 1.27 6.48
C LEU B 22 2.78 1.35 7.31
N TRP B 23 3.03 2.48 7.96
CA TRP B 23 4.30 2.64 8.72
C TRP B 23 4.23 2.16 10.19
N LYS B 24 3.04 1.98 10.77
CA LYS B 24 2.97 1.55 12.18
C LYS B 24 2.93 0.03 12.34
N LEU B 25 2.65 -0.71 11.27
CA LEU B 25 2.61 -2.18 11.36
C LEU B 25 3.86 -2.78 10.74
N LEU B 26 4.95 -2.02 10.77
CA LEU B 26 6.21 -2.49 10.23
C LEU B 26 6.78 -3.63 11.13
N PRO B 27 6.89 -4.86 10.62
CA PRO B 27 7.37 -6.03 11.44
C PRO B 27 8.61 -5.68 12.24
N GLU B 28 9.41 -4.75 11.72
CA GLU B 28 10.62 -4.31 12.40
C GLU B 28 11.37 -3.30 11.55
N ASN B 29 11.93 -2.27 12.22
CA ASN B 29 12.74 -1.21 11.58
C ASN B 29 13.01 -1.53 10.13
N ASN B 30 12.12 -1.01 9.30
CA ASN B 30 12.15 -1.22 7.85
C ASN B 30 13.54 -1.61 7.35
N VAL B 31 13.56 -2.47 6.33
CA VAL B 31 14.81 -2.95 5.75
C VAL B 31 15.03 -2.32 4.38
N LEU B 32 16.20 -1.71 4.17
CA LEU B 32 16.51 -1.05 2.90
C LEU B 32 17.32 -1.98 2.00
N SER B 33 17.75 -3.12 2.56
CA SER B 33 18.55 -4.12 1.82
C SER B 33 18.34 -3.99 0.31
N PRO B 34 19.10 -3.15 -0.36
CA PRO B 34 18.96 -2.95 -1.83
C PRO B 34 19.16 -4.25 -2.61
N LEU B 35 18.42 -4.40 -3.71
CA LEU B 35 18.53 -5.58 -4.54
C LEU B 35 19.36 -5.27 -5.79
N PRO B 36 20.14 -6.21 -6.28
CA PRO B 36 20.98 -5.98 -7.49
C PRO B 36 20.12 -5.83 -8.75
N SER B 37 20.50 -4.91 -9.63
CA SER B 37 19.77 -4.63 -10.88
C SER B 37 18.87 -5.78 -11.27
N GLN B 38 17.66 -5.80 -10.70
CA GLN B 38 16.70 -6.86 -10.99
C GLN B 38 15.72 -6.42 -12.08
N ALA B 39 15.45 -5.11 -12.16
CA ALA B 39 14.53 -4.58 -13.16
C ALA B 39 15.32 -3.93 -14.30
N ALA A 1 -26.07 11.84 -1.77
CA ALA A 1 -25.23 11.17 -0.74
C ALA A 1 -24.24 10.24 -1.42
N THR A 2 -23.71 10.68 -2.55
CA THR A 2 -22.74 9.88 -3.30
C THR A 2 -21.45 9.74 -2.51
N GLN A 3 -21.16 10.74 -1.68
CA GLN A 3 -19.94 10.73 -0.87
C GLN A 3 -20.23 10.17 0.52
N SER A 4 -19.34 9.29 0.99
CA SER A 4 -19.50 8.67 2.30
C SER A 4 -18.18 8.04 2.71
N PRO A 5 -18.13 7.37 3.83
CA PRO A 5 -16.89 6.71 4.31
C PRO A 5 -16.41 5.76 3.23
N GLY A 6 -17.38 5.19 2.54
CA GLY A 6 -17.08 4.30 1.44
C GLY A 6 -16.25 5.04 0.42
N ASP A 7 -16.52 6.34 0.30
CA ASP A 7 -15.77 7.20 -0.62
C ASP A 7 -14.48 7.62 0.05
N SER A 8 -14.50 7.66 1.37
CA SER A 8 -13.33 8.01 2.14
C SER A 8 -12.34 6.86 2.10
N ARG A 9 -12.89 5.66 2.08
CA ARG A 9 -12.08 4.46 1.99
C ARG A 9 -11.44 4.38 0.62
N ARG A 10 -12.22 4.81 -0.37
CA ARG A 10 -11.75 4.85 -1.74
C ARG A 10 -10.72 5.96 -1.89
N LEU A 11 -10.94 7.04 -1.18
CA LEU A 11 -10.04 8.17 -1.19
C LEU A 11 -8.82 7.83 -0.34
N SER A 12 -9.04 6.98 0.66
CA SER A 12 -7.95 6.57 1.54
C SER A 12 -6.92 5.81 0.74
N ILE A 13 -7.37 4.85 -0.06
CA ILE A 13 -6.46 4.08 -0.88
C ILE A 13 -5.89 4.92 -2.02
N GLN A 14 -6.65 5.94 -2.46
CA GLN A 14 -6.22 6.80 -3.53
C GLN A 14 -4.94 7.52 -3.13
N ARG A 15 -4.92 8.02 -1.89
CA ARG A 15 -3.76 8.70 -1.35
C ARG A 15 -2.64 7.71 -1.12
N ALA A 16 -3.00 6.52 -0.68
CA ALA A 16 -2.02 5.49 -0.47
C ALA A 16 -1.50 5.07 -1.82
N ILE A 17 -2.42 5.01 -2.78
CA ILE A 17 -2.11 4.65 -4.14
C ILE A 17 -1.21 5.74 -4.73
N GLN A 18 -1.59 6.99 -4.54
CA GLN A 18 -0.78 8.07 -5.07
C GLN A 18 0.66 7.91 -4.63
N SER A 19 0.88 7.42 -3.42
CA SER A 19 2.23 7.19 -2.93
C SER A 19 2.72 5.81 -3.33
N LEU A 20 1.85 4.80 -3.26
CA LEU A 20 2.28 3.47 -3.66
C LEU A 20 2.60 3.47 -5.17
N VAL A 21 1.68 4.01 -5.98
CA VAL A 21 1.91 4.08 -7.42
C VAL A 21 3.10 5.01 -7.72
N HIS A 22 3.27 6.08 -6.95
CA HIS A 22 4.38 6.99 -7.21
C HIS A 22 5.67 6.50 -6.57
N ALA A 23 5.59 6.09 -5.32
CA ALA A 23 6.76 5.62 -4.57
C ALA A 23 7.29 4.26 -5.02
N ALA A 24 6.44 3.42 -5.64
CA ALA A 24 6.91 2.10 -6.06
C ALA A 24 7.37 2.15 -7.49
N GLN A 25 7.18 3.31 -8.09
CA GLN A 25 7.51 3.52 -9.48
C GLN A 25 8.44 4.70 -9.64
N CYS A 26 8.41 5.62 -8.69
CA CYS A 26 9.31 6.77 -8.72
C CYS A 26 10.44 6.50 -7.75
N ARG A 27 11.40 5.72 -8.20
CA ARG A 27 12.54 5.34 -7.38
C ARG A 27 13.59 6.45 -7.46
N ASN A 28 13.16 7.66 -7.15
CA ASN A 28 14.05 8.81 -7.19
C ASN A 28 15.08 8.73 -6.07
N ALA A 29 14.62 8.32 -4.89
CA ALA A 29 15.46 8.19 -3.68
C ALA A 29 15.37 9.45 -2.83
N ASN A 30 15.43 10.61 -3.49
CA ASN A 30 15.35 11.90 -2.80
C ASN A 30 13.92 12.41 -2.78
N CYS A 31 12.97 11.55 -3.17
CA CYS A 31 11.55 11.93 -3.21
C CYS A 31 11.22 12.94 -2.11
N SER A 32 10.70 14.10 -2.49
CA SER A 32 10.37 15.15 -1.52
C SER A 32 8.99 14.97 -0.94
N LEU A 33 8.38 13.81 -1.17
CA LEU A 33 7.07 13.53 -0.62
C LEU A 33 7.24 12.62 0.60
N PRO A 34 7.12 13.15 1.81
CA PRO A 34 7.30 12.31 3.02
C PRO A 34 6.55 10.99 2.89
N SER A 35 5.44 11.03 2.17
CA SER A 35 4.65 9.84 1.95
C SER A 35 5.44 8.82 1.14
N CYS A 36 6.28 9.29 0.23
CA CYS A 36 7.07 8.38 -0.58
C CYS A 36 8.15 7.70 0.26
N GLN A 37 8.95 8.51 0.94
CA GLN A 37 10.03 7.99 1.76
C GLN A 37 9.52 6.95 2.73
N LYS A 38 8.35 7.22 3.28
CA LYS A 38 7.75 6.32 4.23
C LYS A 38 7.19 5.11 3.49
N MET A 39 6.74 5.31 2.25
CA MET A 39 6.20 4.20 1.48
C MET A 39 7.35 3.35 0.97
N LYS A 40 8.47 3.98 0.67
CA LYS A 40 9.60 3.21 0.21
C LYS A 40 10.02 2.34 1.37
N ARG A 41 10.03 2.95 2.52
CA ARG A 41 10.36 2.26 3.73
C ARG A 41 9.49 1.02 3.83
N VAL A 42 8.24 1.17 3.44
CA VAL A 42 7.26 0.08 3.46
C VAL A 42 7.55 -0.94 2.35
N VAL A 43 7.78 -0.47 1.13
CA VAL A 43 8.06 -1.37 0.01
C VAL A 43 9.47 -1.92 0.12
N GLN A 44 10.43 -1.02 0.30
CA GLN A 44 11.82 -1.40 0.44
C GLN A 44 11.94 -2.44 1.57
N HIS A 45 11.09 -2.31 2.60
CA HIS A 45 11.11 -3.28 3.70
C HIS A 45 10.30 -4.51 3.34
N THR A 46 9.15 -4.30 2.73
CA THR A 46 8.29 -5.41 2.40
C THR A 46 9.07 -6.50 1.69
N LYS A 47 9.93 -6.11 0.77
CA LYS A 47 10.70 -7.09 0.04
C LYS A 47 11.89 -7.58 0.88
N GLY A 48 12.42 -6.71 1.73
CA GLY A 48 13.55 -7.10 2.56
C GLY A 48 13.32 -8.48 3.17
N CYS A 49 12.04 -8.83 3.36
CA CYS A 49 11.68 -10.13 3.93
C CYS A 49 10.96 -10.99 2.88
N LYS A 50 11.35 -12.27 2.79
CA LYS A 50 10.75 -13.18 1.81
C LYS A 50 9.42 -13.77 2.30
N ARG A 51 9.33 -14.06 3.59
CA ARG A 51 8.10 -14.61 4.16
C ARG A 51 7.00 -13.58 4.08
N LYS A 52 7.37 -12.35 4.36
CA LYS A 52 6.45 -11.25 4.32
C LYS A 52 5.98 -11.02 2.89
N THR A 53 6.93 -11.06 1.97
CA THR A 53 6.63 -10.82 0.57
C THR A 53 5.52 -11.73 0.09
N ASN A 54 5.29 -12.83 0.81
CA ASN A 54 4.25 -13.77 0.42
C ASN A 54 2.92 -13.38 1.03
N GLY A 55 2.86 -12.23 1.71
CA GLY A 55 1.62 -11.80 2.35
C GLY A 55 1.70 -12.05 3.84
N GLY A 56 2.85 -12.60 4.26
CA GLY A 56 3.06 -12.91 5.66
C GLY A 56 2.51 -11.83 6.58
N CYS A 57 3.00 -10.60 6.42
CA CYS A 57 2.56 -9.53 7.28
C CYS A 57 1.32 -8.80 6.73
N PRO A 58 0.59 -8.09 7.56
CA PRO A 58 -0.60 -7.32 7.12
C PRO A 58 -0.22 -6.28 6.06
N ILE A 59 1.00 -5.76 6.17
CA ILE A 59 1.49 -4.77 5.22
C ILE A 59 1.56 -5.41 3.85
N CYS A 60 2.10 -6.61 3.79
CA CYS A 60 2.22 -7.30 2.55
C CYS A 60 0.88 -7.87 2.13
N LYS A 61 0.14 -8.39 3.08
CA LYS A 61 -1.18 -8.95 2.78
C LYS A 61 -2.11 -7.84 2.27
N GLN A 62 -2.13 -6.71 2.99
CA GLN A 62 -2.98 -5.59 2.60
C GLN A 62 -2.48 -4.95 1.30
N LEU A 63 -1.16 -4.79 1.18
CA LEU A 63 -0.59 -4.17 -0.01
C LEU A 63 -0.87 -5.04 -1.24
N ILE A 64 -0.72 -6.34 -1.08
CA ILE A 64 -1.00 -7.26 -2.18
C ILE A 64 -2.46 -7.10 -2.59
N ALA A 65 -3.34 -6.95 -1.61
CA ALA A 65 -4.76 -6.78 -1.88
C ALA A 65 -5.00 -5.43 -2.55
N LEU A 66 -4.40 -4.38 -2.01
CA LEU A 66 -4.54 -3.05 -2.61
C LEU A 66 -4.02 -3.13 -4.03
N ALA A 67 -2.91 -3.84 -4.16
CA ALA A 67 -2.30 -4.06 -5.45
C ALA A 67 -3.23 -4.88 -6.32
N ALA A 68 -4.01 -5.76 -5.70
CA ALA A 68 -4.94 -6.60 -6.45
C ALA A 68 -5.96 -5.74 -7.16
N TYR A 69 -6.54 -4.78 -6.44
CA TYR A 69 -7.53 -3.90 -7.03
C TYR A 69 -6.91 -3.09 -8.17
N HIS A 70 -5.73 -2.52 -7.92
CA HIS A 70 -5.07 -1.72 -8.95
C HIS A 70 -4.58 -2.59 -10.11
N ALA A 71 -3.94 -3.71 -9.80
CA ALA A 71 -3.42 -4.60 -10.83
C ALA A 71 -4.55 -5.18 -11.68
N LYS A 72 -5.75 -5.23 -11.10
CA LYS A 72 -6.91 -5.74 -11.83
C LYS A 72 -7.45 -4.65 -12.75
N HIS A 73 -7.84 -3.52 -12.18
CA HIS A 73 -8.36 -2.43 -12.97
C HIS A 73 -7.33 -2.00 -14.02
N CYS A 74 -6.07 -1.96 -13.61
CA CYS A 74 -5.02 -1.61 -14.55
C CYS A 74 -4.79 -2.80 -15.49
N GLN A 75 -5.28 -2.66 -16.71
CA GLN A 75 -5.16 -3.74 -17.69
C GLN A 75 -3.75 -3.74 -18.27
N GLU A 76 -2.99 -2.74 -17.86
CA GLU A 76 -1.61 -2.61 -18.31
C GLU A 76 -0.68 -3.20 -17.29
N ASN A 77 0.27 -4.00 -17.74
CA ASN A 77 1.19 -4.62 -16.84
C ASN A 77 2.21 -3.58 -16.42
N LYS A 78 1.83 -2.73 -15.46
CA LYS A 78 2.72 -1.66 -14.98
C LYS A 78 4.18 -2.04 -15.16
N CYS A 79 4.73 -2.80 -14.20
CA CYS A 79 6.12 -3.30 -14.24
C CYS A 79 6.89 -2.99 -12.95
N PRO A 80 7.04 -1.75 -12.54
CA PRO A 80 7.79 -1.44 -11.29
C PRO A 80 7.17 -2.09 -10.04
N VAL A 81 5.86 -2.23 -10.01
CA VAL A 81 5.20 -2.83 -8.84
C VAL A 81 5.44 -4.36 -8.83
N PRO A 82 6.14 -4.92 -7.85
CA PRO A 82 6.43 -6.39 -7.78
C PRO A 82 5.21 -7.32 -7.88
N PHE A 83 4.24 -7.11 -6.99
CA PHE A 83 3.05 -7.98 -6.92
C PHE A 83 2.27 -7.96 -8.22
N CYS A 84 1.96 -6.77 -8.67
CA CYS A 84 1.16 -6.64 -9.87
C CYS A 84 1.76 -7.48 -10.99
N LEU A 85 3.09 -7.52 -11.05
CA LEU A 85 3.76 -8.34 -12.04
C LEU A 85 3.46 -9.81 -11.78
N ASN A 86 3.44 -10.18 -10.51
CA ASN A 86 3.19 -11.57 -10.12
C ASN A 86 1.77 -11.99 -10.46
N ILE A 87 0.87 -11.01 -10.53
CA ILE A 87 -0.53 -11.30 -10.85
C ILE A 87 -0.80 -11.10 -12.34
N LYS A 88 -0.34 -9.99 -12.91
CA LYS A 88 -0.55 -9.72 -14.34
C LYS A 88 0.34 -10.62 -15.21
N GLN A 89 1.59 -10.83 -14.79
CA GLN A 89 2.50 -11.67 -15.57
C GLN A 89 2.25 -13.14 -15.29
N LYS A 90 1.82 -13.44 -14.05
CA LYS A 90 1.54 -14.83 -13.62
C LYS A 90 1.32 -15.77 -14.81
N MET B 1 -27.66 -3.57 16.37
CA MET B 1 -26.99 -2.27 16.66
C MET B 1 -27.40 -1.79 18.05
N GLU B 2 -26.51 -1.98 19.02
CA GLU B 2 -26.79 -1.56 20.39
C GLU B 2 -26.90 -0.04 20.47
N GLU B 3 -26.13 0.66 19.63
CA GLU B 3 -26.17 2.13 19.59
C GLU B 3 -24.97 2.64 18.78
N PRO B 4 -23.80 2.11 19.01
CA PRO B 4 -22.57 2.54 18.28
C PRO B 4 -22.74 2.43 16.76
N GLN B 5 -23.40 1.33 16.35
CA GLN B 5 -23.65 1.00 14.95
C GLN B 5 -22.45 0.24 14.36
N SER B 6 -22.75 -0.87 13.68
CA SER B 6 -21.71 -1.72 13.06
C SER B 6 -20.38 -0.98 12.88
N ASP B 7 -19.30 -1.60 13.35
CA ASP B 7 -17.96 -0.98 13.24
C ASP B 7 -17.17 -1.50 12.04
N PRO B 8 -17.35 -2.74 11.65
CA PRO B 8 -16.61 -3.33 10.49
C PRO B 8 -16.69 -2.48 9.22
N SER B 9 -17.84 -1.88 8.96
CA SER B 9 -18.01 -1.04 7.76
C SER B 9 -17.95 0.44 8.09
N VAL B 10 -18.10 0.75 9.37
CA VAL B 10 -18.07 2.15 9.84
C VAL B 10 -16.72 2.47 10.46
N GLU B 11 -15.76 2.86 9.64
CA GLU B 11 -14.41 3.18 10.13
C GLU B 11 -14.14 4.68 10.01
N PRO B 12 -14.43 5.47 11.04
CA PRO B 12 -14.21 6.94 11.01
C PRO B 12 -12.88 7.33 10.36
N PRO B 13 -12.87 7.78 9.12
CA PRO B 13 -11.61 8.19 8.44
C PRO B 13 -10.86 9.26 9.23
N LEU B 14 -9.59 8.99 9.52
CA LEU B 14 -8.75 9.94 10.27
C LEU B 14 -7.76 10.59 9.32
N SER B 15 -7.95 10.37 8.02
CA SER B 15 -7.07 10.91 6.99
C SER B 15 -5.88 9.97 6.78
N GLN B 16 -5.53 9.24 7.83
CA GLN B 16 -4.42 8.29 7.79
C GLN B 16 -4.96 6.88 7.93
N GLU B 17 -6.22 6.72 7.54
CA GLU B 17 -6.88 5.43 7.65
C GLU B 17 -5.97 4.31 7.16
N THR B 18 -5.52 4.41 5.91
CA THR B 18 -4.61 3.40 5.36
C THR B 18 -3.21 3.59 5.88
N PHE B 19 -2.66 4.78 5.70
CA PHE B 19 -1.31 5.08 6.15
C PHE B 19 -1.04 4.38 7.48
N SER B 20 -1.94 4.65 8.44
CA SER B 20 -1.86 4.07 9.78
C SER B 20 -1.28 2.68 9.73
N ASP B 21 -1.98 1.81 9.04
CA ASP B 21 -1.56 0.42 8.90
C ASP B 21 -0.22 0.28 8.18
N LEU B 22 -0.06 0.99 7.07
CA LEU B 22 1.16 0.85 6.29
C LEU B 22 2.42 0.77 7.13
N TRP B 23 2.81 1.85 7.80
CA TRP B 23 4.07 1.82 8.60
C TRP B 23 3.90 1.33 10.04
N LYS B 24 2.68 1.29 10.59
CA LYS B 24 2.51 0.85 11.99
C LYS B 24 2.23 -0.65 12.14
N LEU B 25 1.85 -1.34 11.06
CA LEU B 25 1.56 -2.79 11.14
C LEU B 25 2.71 -3.60 10.56
N LEU B 26 3.93 -3.07 10.62
CA LEU B 26 5.09 -3.79 10.09
C LEU B 26 5.54 -4.87 11.08
N PRO B 27 6.20 -5.92 10.62
CA PRO B 27 6.67 -7.01 11.52
C PRO B 27 7.38 -6.44 12.77
N GLU B 28 8.28 -5.49 12.51
CA GLU B 28 9.08 -4.82 13.55
C GLU B 28 10.43 -4.43 12.97
N ASN B 29 10.96 -5.26 12.07
CA ASN B 29 12.25 -4.99 11.45
C ASN B 29 12.06 -4.25 10.14
N ASN B 30 12.34 -2.94 10.16
CA ASN B 30 12.25 -2.14 8.94
C ASN B 30 13.56 -2.25 8.17
N VAL B 31 13.49 -2.84 6.98
CA VAL B 31 14.69 -3.04 6.14
C VAL B 31 14.68 -2.08 4.95
N LEU B 32 15.82 -1.42 4.71
CA LEU B 32 15.95 -0.46 3.62
C LEU B 32 16.65 -1.08 2.41
N SER B 33 16.99 -2.37 2.55
CA SER B 33 17.68 -3.13 1.49
C SER B 33 17.49 -2.49 0.11
N PRO B 34 18.34 -1.54 -0.25
CA PRO B 34 18.25 -0.85 -1.56
C PRO B 34 18.33 -1.82 -2.74
N LEU B 35 17.63 -1.47 -3.82
CA LEU B 35 17.63 -2.30 -5.02
C LEU B 35 18.61 -1.72 -6.04
N PRO B 36 19.08 -2.49 -7.01
CA PRO B 36 20.03 -1.94 -8.03
C PRO B 36 19.54 -0.62 -8.61
N SER B 37 20.48 0.32 -8.79
CA SER B 37 20.18 1.66 -9.31
C SER B 37 18.93 1.68 -10.15
N GLN B 38 18.76 0.63 -10.92
CA GLN B 38 17.61 0.47 -11.79
C GLN B 38 16.59 -0.45 -11.15
N ALA B 39 15.38 0.06 -10.93
CA ALA B 39 14.32 -0.72 -10.31
C ALA B 39 13.34 -1.22 -11.38
N ALA A 1 -25.69 8.61 2.84
CA ALA A 1 -25.81 9.33 1.55
C ALA A 1 -24.73 8.83 0.58
N THR A 2 -24.44 9.62 -0.45
CA THR A 2 -23.43 9.25 -1.43
C THR A 2 -22.06 9.15 -0.77
N GLN A 3 -21.76 10.11 0.10
CA GLN A 3 -20.47 10.14 0.80
C GLN A 3 -20.62 9.54 2.19
N SER A 4 -19.63 8.76 2.59
CA SER A 4 -19.65 8.11 3.90
C SER A 4 -18.29 7.51 4.19
N PRO A 5 -18.13 6.81 5.29
CA PRO A 5 -16.83 6.18 5.64
C PRO A 5 -16.40 5.29 4.49
N GLY A 6 -17.38 4.73 3.84
CA GLY A 6 -17.12 3.88 2.70
C GLY A 6 -16.39 4.69 1.65
N ASP A 7 -16.71 5.99 1.62
CA ASP A 7 -16.07 6.90 0.69
C ASP A 7 -14.73 7.36 1.26
N SER A 8 -14.65 7.41 2.59
CA SER A 8 -13.40 7.80 3.24
C SER A 8 -12.40 6.67 3.07
N ARG A 9 -12.90 5.45 3.14
CA ARG A 9 -12.07 4.29 2.96
C ARG A 9 -11.57 4.26 1.52
N ARG A 10 -12.44 4.65 0.62
CA ARG A 10 -12.08 4.72 -0.79
C ARG A 10 -11.12 5.87 -1.00
N LEU A 11 -11.36 6.95 -0.29
CA LEU A 11 -10.47 8.11 -0.39
C LEU A 11 -9.17 7.78 0.32
N SER A 12 -9.26 6.94 1.35
CA SER A 12 -8.08 6.55 2.09
C SER A 12 -7.11 5.81 1.17
N ILE A 13 -7.63 4.88 0.37
CA ILE A 13 -6.75 4.14 -0.53
C ILE A 13 -6.27 5.03 -1.68
N GLN A 14 -7.07 6.02 -2.07
CA GLN A 14 -6.68 6.92 -3.15
C GLN A 14 -5.42 7.70 -2.76
N ARG A 15 -5.39 8.15 -1.51
CA ARG A 15 -4.24 8.87 -1.01
C ARG A 15 -3.07 7.91 -0.87
N ALA A 16 -3.37 6.70 -0.43
CA ALA A 16 -2.34 5.70 -0.28
C ALA A 16 -1.86 5.32 -1.65
N ILE A 17 -2.82 5.18 -2.56
CA ILE A 17 -2.52 4.86 -3.94
C ILE A 17 -1.72 5.97 -4.56
N GLN A 18 -2.16 7.20 -4.35
CA GLN A 18 -1.45 8.33 -4.91
C GLN A 18 0.01 8.25 -4.51
N SER A 19 0.30 7.76 -3.31
CA SER A 19 1.69 7.63 -2.88
C SER A 19 2.24 6.27 -3.29
N LEU A 20 1.45 5.21 -3.14
CA LEU A 20 1.94 3.89 -3.56
C LEU A 20 2.19 3.87 -5.06
N VAL A 21 1.19 4.26 -5.84
CA VAL A 21 1.38 4.27 -7.28
C VAL A 21 2.46 5.29 -7.64
N HIS A 22 2.44 6.48 -7.05
CA HIS A 22 3.47 7.48 -7.35
C HIS A 22 4.84 7.08 -6.79
N ALA A 23 4.89 6.77 -5.51
CA ALA A 23 6.14 6.39 -4.84
C ALA A 23 6.73 5.10 -5.40
N ALA A 24 5.90 4.23 -5.96
CA ALA A 24 6.39 2.98 -6.49
C ALA A 24 6.75 3.13 -7.93
N GLN A 25 6.31 4.24 -8.52
CA GLN A 25 6.58 4.53 -9.93
C GLN A 25 7.59 5.66 -10.06
N CYS A 26 7.61 6.56 -9.09
CA CYS A 26 8.58 7.64 -9.12
C CYS A 26 9.69 7.28 -8.16
N ARG A 27 10.60 6.45 -8.62
CA ARG A 27 11.71 5.99 -7.82
C ARG A 27 12.84 7.02 -7.89
N ASN A 28 12.49 8.25 -7.53
CA ASN A 28 13.46 9.35 -7.54
C ASN A 28 14.47 9.18 -6.42
N ALA A 29 13.95 8.84 -5.23
CA ALA A 29 14.75 8.65 -4.02
C ALA A 29 14.67 9.88 -3.13
N ASN A 30 14.79 11.05 -3.76
CA ASN A 30 14.73 12.32 -3.04
C ASN A 30 13.33 12.89 -3.06
N CYS A 31 12.36 12.05 -3.46
CA CYS A 31 10.95 12.47 -3.56
C CYS A 31 10.62 13.53 -2.49
N SER A 32 9.97 14.61 -2.91
CA SER A 32 9.63 15.69 -2.00
C SER A 32 8.28 15.49 -1.33
N LEU A 33 7.69 14.31 -1.51
CA LEU A 33 6.42 14.00 -0.88
C LEU A 33 6.68 13.12 0.34
N PRO A 34 6.65 13.65 1.55
CA PRO A 34 6.93 12.83 2.75
C PRO A 34 6.21 11.50 2.68
N SER A 35 5.04 11.51 2.06
CA SER A 35 4.27 10.30 1.90
C SER A 35 5.05 9.29 1.06
N CYS A 36 5.78 9.78 0.07
CA CYS A 36 6.55 8.88 -0.78
C CYS A 36 7.69 8.23 0.00
N GLN A 37 8.49 9.04 0.67
CA GLN A 37 9.61 8.52 1.43
C GLN A 37 9.17 7.45 2.40
N LYS A 38 8.03 7.68 3.01
CA LYS A 38 7.50 6.76 3.95
C LYS A 38 6.95 5.54 3.20
N MET A 39 6.42 5.75 2.00
CA MET A 39 5.92 4.64 1.22
C MET A 39 7.08 3.84 0.67
N LYS A 40 8.15 4.52 0.32
CA LYS A 40 9.30 3.79 -0.18
C LYS A 40 9.78 2.92 0.93
N ARG A 41 9.79 3.51 2.10
CA ARG A 41 10.16 2.80 3.29
C ARG A 41 9.36 1.51 3.34
N VAL A 42 8.07 1.62 3.02
CA VAL A 42 7.14 0.48 3.00
C VAL A 42 7.45 -0.47 1.85
N VAL A 43 7.64 0.07 0.64
CA VAL A 43 7.94 -0.77 -0.53
C VAL A 43 9.35 -1.30 -0.42
N GLN A 44 10.29 -0.40 -0.19
CA GLN A 44 11.68 -0.76 -0.05
C GLN A 44 11.77 -1.83 1.06
N HIS A 45 10.89 -1.73 2.06
CA HIS A 45 10.86 -2.71 3.15
C HIS A 45 10.14 -3.96 2.67
N THR A 46 9.07 -3.76 1.92
CA THR A 46 8.28 -4.87 1.47
C THR A 46 9.14 -5.95 0.84
N LYS A 47 10.01 -5.57 -0.06
CA LYS A 47 10.86 -6.56 -0.71
C LYS A 47 11.97 -7.04 0.23
N GLY A 48 12.55 -6.11 0.97
CA GLY A 48 13.64 -6.43 1.87
C GLY A 48 13.31 -7.65 2.73
N CYS A 49 12.01 -7.91 2.91
CA CYS A 49 11.57 -9.06 3.71
C CYS A 49 10.85 -10.11 2.83
N LYS A 50 11.38 -11.36 2.81
CA LYS A 50 10.79 -12.43 2.00
C LYS A 50 9.56 -13.02 2.67
N ARG A 51 9.58 -13.08 4.00
CA ARG A 51 8.46 -13.61 4.74
C ARG A 51 7.25 -12.71 4.51
N LYS A 52 7.54 -11.42 4.51
CA LYS A 52 6.53 -10.41 4.30
C LYS A 52 5.96 -10.50 2.90
N THR A 53 6.84 -10.73 1.94
CA THR A 53 6.42 -10.81 0.55
C THR A 53 5.37 -11.89 0.40
N ASN A 54 5.59 -13.01 1.07
CA ASN A 54 4.64 -14.11 1.00
C ASN A 54 3.27 -13.68 1.52
N GLY A 55 3.16 -12.44 2.01
CA GLY A 55 1.87 -11.97 2.54
C GLY A 55 1.91 -11.97 4.07
N GLY A 56 3.05 -12.37 4.61
CA GLY A 56 3.22 -12.48 6.05
C GLY A 56 2.81 -11.20 6.77
N CYS A 57 3.14 -10.03 6.21
CA CYS A 57 2.83 -8.78 6.84
C CYS A 57 1.46 -8.26 6.41
N PRO A 58 0.61 -7.86 7.31
CA PRO A 58 -0.69 -7.28 6.91
C PRO A 58 -0.43 -6.18 5.89
N ILE A 59 0.76 -5.56 6.01
CA ILE A 59 1.13 -4.51 5.11
C ILE A 59 1.20 -5.09 3.72
N CYS A 60 1.81 -6.26 3.58
CA CYS A 60 1.90 -6.89 2.28
C CYS A 60 0.56 -7.47 1.89
N LYS A 61 -0.06 -8.15 2.84
CA LYS A 61 -1.35 -8.77 2.56
C LYS A 61 -2.34 -7.71 2.12
N GLN A 62 -2.39 -6.62 2.89
CA GLN A 62 -3.30 -5.52 2.57
C GLN A 62 -2.83 -4.79 1.31
N LEU A 63 -1.52 -4.58 1.19
CA LEU A 63 -0.97 -3.89 0.02
C LEU A 63 -1.22 -4.69 -1.25
N ILE A 64 -1.06 -6.02 -1.17
CA ILE A 64 -1.30 -6.87 -2.33
C ILE A 64 -2.76 -6.73 -2.77
N ALA A 65 -3.67 -6.71 -1.80
CA ALA A 65 -5.08 -6.56 -2.11
C ALA A 65 -5.33 -5.19 -2.72
N LEU A 66 -4.70 -4.18 -2.13
CA LEU A 66 -4.83 -2.82 -2.64
C LEU A 66 -4.29 -2.81 -4.05
N ALA A 67 -3.18 -3.50 -4.21
CA ALA A 67 -2.56 -3.63 -5.51
C ALA A 67 -3.50 -4.37 -6.43
N ALA A 68 -4.24 -5.33 -5.88
CA ALA A 68 -5.18 -6.09 -6.71
C ALA A 68 -6.09 -5.14 -7.46
N TYR A 69 -6.67 -4.20 -6.73
CA TYR A 69 -7.55 -3.22 -7.36
C TYR A 69 -6.79 -2.40 -8.41
N HIS A 70 -5.58 -1.97 -8.08
CA HIS A 70 -4.78 -1.17 -9.01
C HIS A 70 -4.36 -2.00 -10.23
N ALA A 71 -3.90 -3.22 -10.00
CA ALA A 71 -3.46 -4.09 -11.09
C ALA A 71 -4.61 -4.35 -12.05
N LYS A 72 -5.83 -4.26 -11.54
CA LYS A 72 -7.01 -4.47 -12.37
C LYS A 72 -7.23 -3.26 -13.25
N HIS A 73 -7.31 -2.08 -12.65
CA HIS A 73 -7.51 -0.87 -13.42
C HIS A 73 -6.34 -0.65 -14.37
N CYS A 74 -5.12 -0.84 -13.87
CA CYS A 74 -3.96 -0.71 -14.74
C CYS A 74 -3.87 -1.96 -15.59
N GLN A 75 -4.27 -1.84 -16.85
CA GLN A 75 -4.27 -2.98 -17.76
C GLN A 75 -2.87 -3.23 -18.29
N GLU A 76 -1.97 -2.34 -17.92
CA GLU A 76 -0.57 -2.42 -18.35
C GLU A 76 0.34 -2.70 -17.18
N ASN A 77 1.41 -3.45 -17.45
CA ASN A 77 2.38 -3.76 -16.43
C ASN A 77 3.37 -2.62 -16.34
N LYS A 78 3.08 -1.64 -15.50
CA LYS A 78 3.98 -0.47 -15.39
C LYS A 78 5.43 -0.94 -15.27
N CYS A 79 5.69 -1.91 -14.38
CA CYS A 79 7.03 -2.51 -14.16
C CYS A 79 7.61 -2.18 -12.77
N PRO A 80 7.57 -0.95 -12.29
CA PRO A 80 8.12 -0.62 -10.94
C PRO A 80 7.40 -1.38 -9.81
N VAL A 81 6.07 -1.21 -9.78
CA VAL A 81 5.25 -1.86 -8.77
C VAL A 81 5.37 -3.40 -8.92
N PRO A 82 6.02 -4.09 -8.01
CA PRO A 82 6.21 -5.58 -8.13
C PRO A 82 4.94 -6.42 -8.22
N PHE A 83 4.01 -6.10 -7.34
CA PHE A 83 2.76 -6.87 -7.24
C PHE A 83 2.05 -7.00 -8.59
N CYS A 84 1.93 -5.91 -9.33
CA CYS A 84 1.24 -6.01 -10.62
C CYS A 84 1.95 -7.04 -11.48
N LEU A 85 3.27 -7.01 -11.49
CA LEU A 85 4.03 -7.98 -12.27
C LEU A 85 3.71 -9.39 -11.77
N ASN A 86 3.52 -9.53 -10.46
CA ASN A 86 3.22 -10.83 -9.88
C ASN A 86 1.88 -11.32 -10.38
N ILE A 87 0.94 -10.41 -10.55
CA ILE A 87 -0.40 -10.79 -11.02
C ILE A 87 -0.54 -10.63 -12.54
N LYS A 88 -0.22 -9.44 -13.05
CA LYS A 88 -0.35 -9.18 -14.50
C LYS A 88 0.66 -9.97 -15.34
N GLN A 89 1.92 -10.02 -14.92
CA GLN A 89 2.95 -10.74 -15.69
C GLN A 89 2.95 -12.22 -15.34
N LYS A 90 2.40 -12.55 -14.17
CA LYS A 90 2.34 -13.93 -13.67
C LYS A 90 2.45 -14.97 -14.81
N MET B 1 -26.92 -2.89 11.44
CA MET B 1 -27.43 -1.63 12.04
C MET B 1 -28.59 -1.96 12.99
N GLU B 2 -28.31 -2.80 13.97
CA GLU B 2 -29.34 -3.20 14.92
C GLU B 2 -29.79 -1.99 15.73
N GLU B 3 -28.85 -1.08 16.00
CA GLU B 3 -29.14 0.15 16.75
C GLU B 3 -27.83 0.84 17.17
N PRO B 4 -26.90 0.10 17.71
CA PRO B 4 -25.58 0.67 18.16
C PRO B 4 -24.87 1.42 17.02
N GLN B 5 -25.01 0.86 15.81
CA GLN B 5 -24.40 1.39 14.57
C GLN B 5 -23.06 0.70 14.34
N SER B 6 -23.12 -0.50 13.78
CA SER B 6 -21.92 -1.31 13.50
C SER B 6 -20.62 -0.49 13.50
N ASP B 7 -19.68 -0.87 14.37
CA ASP B 7 -18.40 -0.18 14.48
C ASP B 7 -17.31 -0.84 13.62
N PRO B 8 -17.37 -2.15 13.42
CA PRO B 8 -16.35 -2.87 12.60
C PRO B 8 -16.16 -2.26 11.20
N SER B 9 -17.24 -1.77 10.60
CA SER B 9 -17.16 -1.17 9.26
C SER B 9 -17.16 0.35 9.32
N VAL B 10 -17.63 0.87 10.44
CA VAL B 10 -17.69 2.32 10.65
C VAL B 10 -16.51 2.76 11.50
N GLU B 11 -15.39 3.03 10.85
CA GLU B 11 -14.17 3.43 11.56
C GLU B 11 -13.89 4.92 11.34
N PRO B 12 -14.16 5.77 12.31
CA PRO B 12 -13.93 7.25 12.17
C PRO B 12 -12.62 7.58 11.46
N PRO B 13 -12.65 7.96 10.19
CA PRO B 13 -11.40 8.30 9.43
C PRO B 13 -10.60 9.38 10.14
N LEU B 14 -9.30 9.13 10.31
CA LEU B 14 -8.40 10.07 10.97
C LEU B 14 -7.50 10.75 9.94
N SER B 15 -7.72 10.41 8.67
CA SER B 15 -6.92 10.96 7.56
C SER B 15 -5.68 10.11 7.33
N GLN B 16 -5.25 9.40 8.37
CA GLN B 16 -4.08 8.53 8.29
C GLN B 16 -4.53 7.08 8.41
N GLU B 17 -5.80 6.85 8.09
CA GLU B 17 -6.38 5.52 8.19
C GLU B 17 -5.43 4.45 7.65
N THR B 18 -5.46 4.23 6.34
CA THR B 18 -4.60 3.21 5.75
C THR B 18 -3.17 3.43 6.15
N PHE B 19 -2.70 4.66 5.97
CA PHE B 19 -1.33 4.99 6.31
C PHE B 19 -0.93 4.30 7.61
N SER B 20 -1.76 4.52 8.64
CA SER B 20 -1.53 3.96 9.96
C SER B 20 -0.86 2.60 9.86
N ASP B 21 -1.56 1.67 9.22
CA ASP B 21 -1.05 0.32 9.07
C ASP B 21 0.23 0.27 8.23
N LEU B 22 0.26 0.99 7.12
CA LEU B 22 1.42 0.93 6.23
C LEU B 22 2.75 0.96 6.97
N TRP B 23 3.10 2.09 7.58
CA TRP B 23 4.41 2.20 8.25
C TRP B 23 4.43 1.79 9.73
N LYS B 24 3.28 1.70 10.42
CA LYS B 24 3.31 1.33 11.84
C LYS B 24 3.23 -0.19 12.08
N LEU B 25 2.95 -0.99 11.05
CA LEU B 25 2.86 -2.45 11.24
C LEU B 25 4.21 -3.15 10.99
N LEU B 26 5.23 -2.38 10.60
CA LEU B 26 6.59 -2.91 10.35
C LEU B 26 6.88 -4.18 11.19
N PRO B 27 6.95 -5.36 10.61
CA PRO B 27 7.27 -6.57 11.40
C PRO B 27 8.62 -6.34 12.05
N GLU B 28 9.52 -5.76 11.26
CA GLU B 28 10.89 -5.49 11.68
C GLU B 28 11.24 -4.00 11.54
N ASN B 29 12.50 -3.72 11.32
CA ASN B 29 13.01 -2.37 11.18
C ASN B 29 13.24 -2.09 9.72
N ASN B 30 12.27 -1.42 9.12
CA ASN B 30 12.30 -1.06 7.68
C ASN B 30 13.66 -1.36 7.06
N VAL B 31 13.68 -2.30 6.13
CA VAL B 31 14.93 -2.69 5.47
C VAL B 31 14.99 -2.13 4.06
N LEU B 32 16.07 -1.39 3.76
CA LEU B 32 16.25 -0.80 2.44
C LEU B 32 17.05 -1.73 1.55
N SER B 33 17.62 -2.77 2.15
CA SER B 33 18.42 -3.75 1.41
C SER B 33 17.94 -3.90 -0.03
N PRO B 34 18.51 -3.20 -0.99
CA PRO B 34 18.06 -3.29 -2.40
C PRO B 34 18.50 -4.60 -3.05
N LEU B 35 17.74 -5.05 -4.03
CA LEU B 35 18.03 -6.29 -4.74
C LEU B 35 18.39 -6.01 -6.20
N PRO B 36 19.65 -5.77 -6.49
CA PRO B 36 20.07 -5.50 -7.89
C PRO B 36 19.63 -6.61 -8.82
N SER B 37 19.27 -6.23 -10.06
CA SER B 37 18.77 -7.18 -11.07
C SER B 37 19.33 -8.57 -10.86
N GLN B 38 20.56 -8.59 -10.42
CA GLN B 38 21.27 -9.85 -10.16
C GLN B 38 21.28 -10.12 -8.65
N ALA B 39 20.71 -11.25 -8.26
CA ALA B 39 20.66 -11.62 -6.84
C ALA B 39 21.73 -12.66 -6.52
N ALA A 1 -24.41 14.47 -2.70
CA ALA A 1 -24.13 14.40 -1.24
C ALA A 1 -24.03 12.94 -0.81
N THR A 2 -23.76 12.06 -1.78
CA THR A 2 -23.64 10.64 -1.48
C THR A 2 -22.42 10.37 -0.60
N GLN A 3 -21.37 11.16 -0.78
CA GLN A 3 -20.13 11.02 -0.02
C GLN A 3 -20.38 10.43 1.36
N SER A 4 -19.54 9.48 1.75
CA SER A 4 -19.67 8.83 3.06
C SER A 4 -18.36 8.15 3.43
N PRO A 5 -18.30 7.47 4.54
CA PRO A 5 -17.07 6.76 4.97
C PRO A 5 -16.63 5.84 3.87
N GLY A 6 -17.62 5.29 3.18
CA GLY A 6 -17.37 4.41 2.07
C GLY A 6 -16.56 5.16 1.03
N ASP A 7 -16.82 6.46 0.95
CA ASP A 7 -16.10 7.32 0.02
C ASP A 7 -14.79 7.73 0.65
N SER A 8 -14.77 7.75 1.98
CA SER A 8 -13.56 8.09 2.72
C SER A 8 -12.58 6.94 2.61
N ARG A 9 -13.13 5.74 2.58
CA ARG A 9 -12.33 4.54 2.46
C ARG A 9 -11.75 4.48 1.06
N ARG A 10 -12.56 4.93 0.11
CA ARG A 10 -12.14 4.97 -1.29
C ARG A 10 -11.11 6.08 -1.48
N LEU A 11 -11.30 7.16 -0.73
CA LEU A 11 -10.38 8.27 -0.77
C LEU A 11 -9.14 7.92 0.05
N SER A 12 -9.33 7.04 1.03
CA SER A 12 -8.21 6.60 1.85
C SER A 12 -7.20 5.87 0.99
N ILE A 13 -7.69 4.94 0.17
CA ILE A 13 -6.79 4.20 -0.69
C ILE A 13 -6.27 5.07 -1.83
N GLN A 14 -7.06 6.07 -2.25
CA GLN A 14 -6.67 6.96 -3.32
C GLN A 14 -5.38 7.68 -2.95
N ARG A 15 -5.31 8.15 -1.71
CA ARG A 15 -4.15 8.83 -1.20
C ARG A 15 -3.01 7.85 -1.02
N ALA A 16 -3.35 6.65 -0.56
CA ALA A 16 -2.35 5.62 -0.38
C ALA A 16 -1.88 5.21 -1.76
N ILE A 17 -2.83 5.15 -2.68
CA ILE A 17 -2.56 4.79 -4.06
C ILE A 17 -1.69 5.87 -4.68
N GLN A 18 -2.07 7.13 -4.48
CA GLN A 18 -1.28 8.21 -5.04
C GLN A 18 0.18 8.06 -4.64
N SER A 19 0.43 7.57 -3.42
CA SER A 19 1.80 7.35 -2.97
C SER A 19 2.28 5.96 -3.37
N LEU A 20 1.42 4.96 -3.27
CA LEU A 20 1.83 3.62 -3.67
C LEU A 20 2.14 3.62 -5.17
N VAL A 21 1.21 4.13 -5.97
CA VAL A 21 1.40 4.19 -7.41
C VAL A 21 2.57 5.13 -7.75
N HIS A 22 2.75 6.20 -7.00
CA HIS A 22 3.85 7.12 -7.28
C HIS A 22 5.16 6.65 -6.67
N ALA A 23 5.10 6.30 -5.40
CA ALA A 23 6.29 5.86 -4.66
C ALA A 23 6.82 4.49 -5.11
N ALA A 24 5.97 3.63 -5.69
CA ALA A 24 6.42 2.30 -6.11
C ALA A 24 6.86 2.34 -7.55
N GLN A 25 6.67 3.50 -8.17
CA GLN A 25 6.99 3.67 -9.57
C GLN A 25 7.89 4.88 -9.77
N CYS A 26 7.89 5.79 -8.80
CA CYS A 26 8.77 6.95 -8.88
C CYS A 26 9.95 6.70 -7.96
N ARG A 27 10.92 5.94 -8.48
CA ARG A 27 12.10 5.60 -7.70
C ARG A 27 13.12 6.74 -7.83
N ASN A 28 12.66 7.93 -7.48
CA ASN A 28 13.51 9.11 -7.56
C ASN A 28 14.58 9.06 -6.48
N ALA A 29 14.17 8.67 -5.27
CA ALA A 29 15.05 8.58 -4.09
C ALA A 29 14.96 9.86 -3.26
N ASN A 30 14.93 11.01 -3.94
CA ASN A 30 14.84 12.30 -3.26
C ASN A 30 13.39 12.75 -3.15
N CYS A 31 12.46 11.85 -3.50
CA CYS A 31 11.02 12.16 -3.46
C CYS A 31 10.69 13.15 -2.34
N SER A 32 10.12 14.30 -2.69
CA SER A 32 9.79 15.31 -1.71
C SER A 32 8.43 15.10 -1.08
N LEU A 33 7.84 13.92 -1.30
CA LEU A 33 6.54 13.61 -0.72
C LEU A 33 6.75 12.70 0.50
N PRO A 34 6.66 13.23 1.70
CA PRO A 34 6.87 12.40 2.92
C PRO A 34 6.15 11.07 2.81
N SER A 35 5.03 11.07 2.11
CA SER A 35 4.27 9.86 1.91
C SER A 35 5.07 8.86 1.08
N CYS A 36 5.86 9.37 0.15
CA CYS A 36 6.66 8.48 -0.68
C CYS A 36 7.77 7.82 0.12
N GLN A 37 8.57 8.64 0.80
CA GLN A 37 9.68 8.13 1.59
C GLN A 37 9.21 7.09 2.57
N LYS A 38 8.04 7.31 3.12
CA LYS A 38 7.48 6.39 4.08
C LYS A 38 6.94 5.16 3.34
N MET A 39 6.46 5.37 2.11
CA MET A 39 5.95 4.26 1.33
C MET A 39 7.10 3.44 0.79
N LYS A 40 8.21 4.09 0.50
CA LYS A 40 9.35 3.34 0.03
C LYS A 40 9.81 2.48 1.17
N ARG A 41 9.81 3.07 2.33
CA ARG A 41 10.17 2.38 3.53
C ARG A 41 9.32 1.12 3.63
N VAL A 42 8.06 1.25 3.24
CA VAL A 42 7.11 0.13 3.26
C VAL A 42 7.42 -0.88 2.14
N VAL A 43 7.62 -0.38 0.93
CA VAL A 43 7.93 -1.26 -0.20
C VAL A 43 9.35 -1.80 -0.09
N GLN A 44 10.29 -0.88 0.11
CA GLN A 44 11.69 -1.24 0.25
C GLN A 44 11.83 -2.28 1.38
N HIS A 45 10.97 -2.17 2.41
CA HIS A 45 11.01 -3.14 3.52
C HIS A 45 10.21 -4.37 3.16
N THR A 46 9.07 -4.17 2.53
CA THR A 46 8.22 -5.31 2.20
C THR A 46 9.00 -6.39 1.51
N LYS A 47 9.86 -6.01 0.58
CA LYS A 47 10.64 -7.00 -0.12
C LYS A 47 11.82 -7.48 0.71
N GLY A 48 12.37 -6.58 1.55
CA GLY A 48 13.50 -6.95 2.38
C GLY A 48 13.26 -8.29 3.05
N CYS A 49 11.98 -8.63 3.25
CA CYS A 49 11.61 -9.91 3.87
C CYS A 49 10.90 -10.81 2.86
N LYS A 50 11.28 -12.10 2.84
CA LYS A 50 10.67 -13.06 1.92
C LYS A 50 9.39 -13.64 2.51
N ARG A 51 9.36 -13.78 3.82
CA ARG A 51 8.17 -14.29 4.49
C ARG A 51 7.05 -13.27 4.38
N LYS A 52 7.42 -12.01 4.51
CA LYS A 52 6.47 -10.94 4.43
C LYS A 52 5.95 -10.78 3.01
N THR A 53 6.86 -10.81 2.06
CA THR A 53 6.50 -10.64 0.67
C THR A 53 5.33 -11.54 0.32
N ASN A 54 5.32 -12.74 0.88
CA ASN A 54 4.27 -13.69 0.59
C ASN A 54 2.94 -13.23 1.20
N GLY A 55 2.95 -12.09 1.86
CA GLY A 55 1.73 -11.58 2.51
C GLY A 55 1.83 -11.78 4.01
N GLY A 56 2.95 -12.35 4.45
CA GLY A 56 3.16 -12.61 5.86
C GLY A 56 2.61 -11.50 6.73
N CYS A 57 3.07 -10.26 6.51
CA CYS A 57 2.63 -9.16 7.32
C CYS A 57 1.35 -8.53 6.76
N PRO A 58 0.53 -7.93 7.59
CA PRO A 58 -0.71 -7.23 7.14
C PRO A 58 -0.38 -6.18 6.08
N ILE A 59 0.83 -5.61 6.18
CA ILE A 59 1.27 -4.62 5.23
C ILE A 59 1.40 -5.26 3.86
N CYS A 60 1.99 -6.44 3.81
CA CYS A 60 2.17 -7.11 2.56
C CYS A 60 0.86 -7.72 2.10
N LYS A 61 0.16 -8.30 3.06
CA LYS A 61 -1.12 -8.91 2.76
C LYS A 61 -2.10 -7.85 2.25
N GLN A 62 -2.17 -6.73 2.98
CA GLN A 62 -3.05 -5.63 2.62
C GLN A 62 -2.56 -4.94 1.34
N LEU A 63 -1.25 -4.72 1.24
CA LEU A 63 -0.69 -4.05 0.07
C LEU A 63 -0.94 -4.88 -1.18
N ILE A 64 -0.77 -6.20 -1.07
CA ILE A 64 -1.00 -7.07 -2.20
C ILE A 64 -2.46 -6.93 -2.65
N ALA A 65 -3.36 -6.83 -1.69
CA ALA A 65 -4.78 -6.67 -2.00
C ALA A 65 -5.03 -5.31 -2.65
N LEU A 66 -4.47 -4.26 -2.05
CA LEU A 66 -4.63 -2.93 -2.61
C LEU A 66 -4.06 -2.94 -4.01
N ALA A 67 -2.92 -3.61 -4.14
CA ALA A 67 -2.26 -3.76 -5.42
C ALA A 67 -3.17 -4.52 -6.37
N ALA A 68 -3.95 -5.44 -5.81
CA ALA A 68 -4.86 -6.23 -6.64
C ALA A 68 -5.83 -5.32 -7.38
N TYR A 69 -6.44 -4.38 -6.64
CA TYR A 69 -7.37 -3.46 -7.26
C TYR A 69 -6.68 -2.60 -8.33
N HIS A 70 -5.49 -2.10 -8.00
CA HIS A 70 -4.75 -1.26 -8.96
C HIS A 70 -4.26 -2.09 -10.15
N ALA A 71 -3.64 -3.22 -9.87
CA ALA A 71 -3.12 -4.08 -10.93
C ALA A 71 -4.24 -4.52 -11.86
N LYS A 72 -5.47 -4.47 -11.36
CA LYS A 72 -6.63 -4.85 -12.16
C LYS A 72 -6.97 -3.71 -13.12
N HIS A 73 -7.19 -2.51 -12.59
CA HIS A 73 -7.51 -1.39 -13.43
C HIS A 73 -6.41 -1.16 -14.45
N CYS A 74 -5.16 -1.29 -14.01
CA CYS A 74 -4.04 -1.14 -14.92
C CYS A 74 -3.95 -2.40 -15.78
N GLN A 75 -4.40 -2.29 -17.03
CA GLN A 75 -4.40 -3.44 -17.92
C GLN A 75 -3.01 -3.63 -18.52
N GLU A 76 -2.10 -2.75 -18.12
CA GLU A 76 -0.73 -2.79 -18.61
C GLU A 76 0.23 -3.11 -17.50
N ASN A 77 1.29 -3.84 -17.85
CA ASN A 77 2.29 -4.20 -16.87
C ASN A 77 3.22 -3.02 -16.67
N LYS A 78 2.87 -2.13 -15.74
CA LYS A 78 3.67 -0.92 -15.52
C LYS A 78 5.18 -1.26 -15.58
N CYS A 79 5.62 -2.25 -14.78
CA CYS A 79 7.03 -2.73 -14.76
C CYS A 79 7.71 -2.54 -13.40
N PRO A 80 7.58 -1.41 -12.75
CA PRO A 80 8.24 -1.20 -11.43
C PRO A 80 7.47 -1.89 -10.30
N VAL A 81 6.14 -1.78 -10.32
CA VAL A 81 5.30 -2.41 -9.30
C VAL A 81 5.54 -3.92 -9.30
N PRO A 82 6.19 -4.48 -8.28
CA PRO A 82 6.49 -5.96 -8.24
C PRO A 82 5.24 -6.83 -8.36
N PHE A 83 4.26 -6.54 -7.53
CA PHE A 83 3.03 -7.33 -7.49
C PHE A 83 2.32 -7.37 -8.84
N CYS A 84 2.20 -6.22 -9.49
CA CYS A 84 1.51 -6.18 -10.78
C CYS A 84 2.12 -7.22 -11.73
N LEU A 85 3.44 -7.28 -11.77
CA LEU A 85 4.11 -8.26 -12.61
C LEU A 85 3.80 -9.67 -12.14
N ASN A 86 3.75 -9.85 -10.83
CA ASN A 86 3.47 -11.16 -10.26
C ASN A 86 2.07 -11.63 -10.61
N ILE A 87 1.15 -10.69 -10.76
CA ILE A 87 -0.24 -11.02 -11.08
C ILE A 87 -0.51 -10.95 -12.59
N LYS A 88 -0.09 -9.84 -13.22
CA LYS A 88 -0.34 -9.67 -14.66
C LYS A 88 0.68 -10.42 -15.53
N GLN A 89 1.95 -10.41 -15.15
CA GLN A 89 2.97 -11.10 -15.95
C GLN A 89 3.03 -12.57 -15.59
N LYS A 90 2.54 -12.90 -14.39
CA LYS A 90 2.53 -14.28 -13.88
C LYS A 90 2.61 -15.32 -15.01
N MET B 1 -26.13 -4.99 17.61
CA MET B 1 -25.88 -3.52 17.60
C MET B 1 -26.34 -2.94 18.92
N GLU B 2 -25.38 -2.55 19.76
CA GLU B 2 -25.71 -1.97 21.06
C GLU B 2 -26.40 -0.61 20.87
N GLU B 3 -26.02 0.10 19.81
CA GLU B 3 -26.60 1.41 19.50
C GLU B 3 -25.75 2.13 18.45
N PRO B 4 -24.45 2.12 18.61
CA PRO B 4 -23.54 2.80 17.64
C PRO B 4 -23.77 2.31 16.22
N GLN B 5 -24.14 1.03 16.11
CA GLN B 5 -24.40 0.35 14.82
C GLN B 5 -23.11 -0.29 14.33
N SER B 6 -23.27 -1.45 13.64
CA SER B 6 -22.13 -2.20 13.10
C SER B 6 -20.85 -1.37 13.00
N ASP B 7 -19.77 -1.87 13.59
CA ASP B 7 -18.50 -1.17 13.57
C ASP B 7 -17.57 -1.69 12.46
N PRO B 8 -17.66 -2.95 12.08
CA PRO B 8 -16.78 -3.52 11.02
C PRO B 8 -16.80 -2.71 9.72
N SER B 9 -17.95 -2.14 9.38
CA SER B 9 -18.07 -1.34 8.15
C SER B 9 -18.08 0.15 8.46
N VAL B 10 -18.37 0.47 9.70
CA VAL B 10 -18.42 1.88 10.14
C VAL B 10 -17.15 2.24 10.89
N GLU B 11 -16.10 2.57 10.16
CA GLU B 11 -14.82 2.92 10.78
C GLU B 11 -14.54 4.41 10.66
N PRO B 12 -14.81 5.20 11.69
CA PRO B 12 -14.59 6.68 11.65
C PRO B 12 -13.27 7.07 10.97
N PRO B 13 -13.30 7.53 9.73
CA PRO B 13 -12.07 7.93 9.00
C PRO B 13 -11.27 8.98 9.77
N LEU B 14 -9.96 8.74 9.91
CA LEU B 14 -9.08 9.66 10.64
C LEU B 14 -8.21 10.43 9.66
N SER B 15 -8.45 10.21 8.36
CA SER B 15 -7.68 10.86 7.30
C SER B 15 -6.42 10.05 6.99
N GLN B 16 -5.91 9.36 8.01
CA GLN B 16 -4.71 8.53 7.87
C GLN B 16 -5.10 7.07 8.00
N GLU B 17 -6.37 6.80 7.74
CA GLU B 17 -6.90 5.46 7.85
C GLU B 17 -5.92 4.42 7.29
N THR B 18 -5.95 4.23 5.98
CA THR B 18 -5.07 3.24 5.37
C THR B 18 -3.65 3.43 5.83
N PHE B 19 -3.14 4.65 5.70
CA PHE B 19 -1.77 4.94 6.12
C PHE B 19 -1.46 4.20 7.41
N SER B 20 -2.32 4.43 8.42
CA SER B 20 -2.18 3.81 9.73
C SER B 20 -1.57 2.42 9.60
N ASP B 21 -2.28 1.55 8.91
CA ASP B 21 -1.82 0.19 8.71
C ASP B 21 -0.47 0.13 7.98
N LEU B 22 -0.35 0.87 6.90
CA LEU B 22 0.88 0.82 6.12
C LEU B 22 2.13 0.79 6.98
N TRP B 23 2.45 1.88 7.67
CA TRP B 23 3.70 1.90 8.48
C TRP B 23 3.52 1.47 9.96
N LYS B 24 2.29 1.42 10.50
CA LYS B 24 2.15 1.01 11.91
C LYS B 24 2.05 -0.51 12.08
N LEU B 25 1.74 -1.26 11.00
CA LEU B 25 1.61 -2.73 11.11
C LEU B 25 2.85 -3.44 10.58
N LEU B 26 4.01 -2.79 10.65
CA LEU B 26 5.26 -3.39 10.17
C LEU B 26 5.89 -4.27 11.26
N PRO B 27 6.65 -5.27 10.89
CA PRO B 27 7.28 -6.19 11.88
C PRO B 27 8.30 -5.49 12.77
N GLU B 28 8.24 -4.15 12.79
CA GLU B 28 9.15 -3.34 13.60
C GLU B 28 10.51 -3.25 12.93
N ASN B 29 10.78 -4.20 12.04
CA ASN B 29 12.04 -4.22 11.31
C ASN B 29 11.89 -3.58 9.93
N ASN B 30 12.32 -2.33 9.81
CA ASN B 30 12.26 -1.62 8.54
C ASN B 30 13.57 -1.81 7.79
N VAL B 31 13.53 -2.57 6.71
CA VAL B 31 14.73 -2.85 5.90
C VAL B 31 14.73 -2.02 4.62
N LEU B 32 15.84 -1.37 4.33
CA LEU B 32 15.95 -0.54 3.13
C LEU B 32 16.67 -1.30 2.03
N SER B 33 17.21 -2.48 2.38
CA SER B 33 17.94 -3.33 1.44
C SER B 33 17.49 -3.10 -0.01
N PRO B 34 18.12 -2.20 -0.74
CA PRO B 34 17.73 -1.91 -2.14
C PRO B 34 18.23 -2.99 -3.10
N LEU B 35 17.60 -3.07 -4.27
CA LEU B 35 17.98 -4.07 -5.28
C LEU B 35 18.54 -3.38 -6.53
N PRO B 36 19.82 -3.09 -6.55
CA PRO B 36 20.46 -2.43 -7.72
C PRO B 36 20.19 -3.24 -9.00
N SER B 37 20.05 -2.52 -10.12
CA SER B 37 19.75 -3.13 -11.42
C SER B 37 20.27 -4.54 -11.52
N GLN B 38 21.39 -4.76 -10.87
CA GLN B 38 22.03 -6.07 -10.84
C GLN B 38 21.69 -6.79 -9.54
N ALA B 39 20.92 -7.87 -9.65
CA ALA B 39 20.53 -8.65 -8.47
C ALA B 39 21.36 -9.92 -8.36
N ALA A 1 -24.10 15.70 -1.80
CA ALA A 1 -22.69 15.27 -2.09
C ALA A 1 -22.60 13.76 -1.95
N THR A 2 -21.96 13.12 -2.93
CA THR A 2 -21.80 11.67 -2.90
C THR A 2 -20.92 11.24 -1.73
N GLN A 3 -19.95 12.10 -1.38
CA GLN A 3 -19.02 11.83 -0.29
C GLN A 3 -19.66 10.97 0.80
N SER A 4 -18.82 10.19 1.47
CA SER A 4 -19.30 9.30 2.53
C SER A 4 -18.13 8.46 3.03
N PRO A 5 -18.29 7.72 4.11
CA PRO A 5 -17.19 6.87 4.64
C PRO A 5 -16.74 5.92 3.55
N GLY A 6 -17.72 5.46 2.79
CA GLY A 6 -17.45 4.57 1.67
C GLY A 6 -16.55 5.29 0.68
N ASP A 7 -16.76 6.60 0.58
CA ASP A 7 -15.95 7.43 -0.29
C ASP A 7 -14.68 7.83 0.42
N SER A 8 -14.74 7.85 1.73
CA SER A 8 -13.59 8.18 2.55
C SER A 8 -12.61 7.02 2.49
N ARG A 9 -13.16 5.82 2.46
CA ARG A 9 -12.37 4.61 2.37
C ARG A 9 -11.75 4.52 0.98
N ARG A 10 -12.53 4.94 0.00
CA ARG A 10 -12.06 4.96 -1.39
C ARG A 10 -11.05 6.07 -1.57
N LEU A 11 -11.26 7.16 -0.83
CA LEU A 11 -10.35 8.28 -0.88
C LEU A 11 -9.11 7.93 -0.06
N SER A 12 -9.29 7.05 0.93
CA SER A 12 -8.18 6.63 1.75
C SER A 12 -7.16 5.87 0.91
N ILE A 13 -7.65 4.92 0.12
CA ILE A 13 -6.76 4.16 -0.72
C ILE A 13 -6.23 5.00 -1.89
N GLN A 14 -7.01 5.99 -2.31
CA GLN A 14 -6.62 6.86 -3.41
C GLN A 14 -5.35 7.62 -3.05
N ARG A 15 -5.31 8.11 -1.81
CA ARG A 15 -4.17 8.83 -1.30
C ARG A 15 -3.01 7.87 -1.10
N ALA A 16 -3.32 6.67 -0.63
CA ALA A 16 -2.30 5.67 -0.45
C ALA A 16 -1.82 5.25 -1.81
N ILE A 17 -2.77 5.14 -2.73
CA ILE A 17 -2.47 4.78 -4.10
C ILE A 17 -1.63 5.87 -4.73
N GLN A 18 -2.05 7.12 -4.55
CA GLN A 18 -1.29 8.22 -5.13
C GLN A 18 0.18 8.12 -4.72
N SER A 19 0.43 7.66 -3.49
CA SER A 19 1.82 7.50 -3.05
C SER A 19 2.34 6.13 -3.42
N LEU A 20 1.52 5.10 -3.30
CA LEU A 20 1.98 3.77 -3.67
C LEU A 20 2.29 3.73 -5.17
N VAL A 21 1.35 4.19 -5.99
CA VAL A 21 1.55 4.20 -7.43
C VAL A 21 2.74 5.12 -7.76
N HIS A 22 2.76 6.32 -7.16
CA HIS A 22 3.85 7.25 -7.42
C HIS A 22 5.16 6.74 -6.84
N ALA A 23 5.14 6.34 -5.57
CA ALA A 23 6.33 5.85 -4.91
C ALA A 23 6.83 4.56 -5.57
N ALA A 24 5.91 3.79 -6.16
CA ALA A 24 6.29 2.54 -6.81
C ALA A 24 6.64 2.77 -8.26
N GLN A 25 6.51 4.01 -8.71
CA GLN A 25 6.82 4.40 -10.08
C GLN A 25 7.95 5.41 -10.09
N CYS A 26 8.02 6.20 -9.03
CA CYS A 26 9.09 7.18 -8.91
C CYS A 26 10.13 6.64 -7.94
N ARG A 27 10.98 5.77 -8.45
CA ARG A 27 12.02 5.16 -7.64
C ARG A 27 13.23 6.08 -7.59
N ASN A 28 12.96 7.34 -7.26
CA ASN A 28 14.02 8.34 -7.18
C ASN A 28 14.92 8.05 -5.99
N ALA A 29 14.29 7.68 -4.86
CA ALA A 29 14.98 7.38 -3.61
C ALA A 29 14.94 8.60 -2.69
N ASN A 30 15.27 9.76 -3.26
CA ASN A 30 15.29 11.01 -2.51
C ASN A 30 13.97 11.76 -2.67
N CYS A 31 12.94 11.05 -3.15
CA CYS A 31 11.61 11.65 -3.37
C CYS A 31 11.33 12.77 -2.35
N SER A 32 10.76 13.88 -2.83
CA SER A 32 10.46 15.02 -1.96
C SER A 32 9.06 14.95 -1.37
N LEU A 33 8.37 13.84 -1.58
CA LEU A 33 7.02 13.69 -1.04
C LEU A 33 7.11 12.81 0.22
N PRO A 34 6.99 13.40 1.41
CA PRO A 34 7.10 12.60 2.66
C PRO A 34 6.31 11.30 2.56
N SER A 35 5.19 11.35 1.85
CA SER A 35 4.37 10.17 1.66
C SER A 35 5.14 9.10 0.90
N CYS A 36 5.98 9.53 -0.05
CA CYS A 36 6.75 8.57 -0.82
C CYS A 36 7.83 7.92 0.03
N GLN A 37 8.64 8.75 0.68
CA GLN A 37 9.72 8.24 1.50
C GLN A 37 9.20 7.23 2.50
N LYS A 38 8.03 7.51 3.03
CA LYS A 38 7.43 6.64 4.00
C LYS A 38 6.88 5.39 3.30
N MET A 39 6.43 5.55 2.05
CA MET A 39 5.92 4.42 1.29
C MET A 39 7.09 3.58 0.82
N LYS A 40 8.20 4.21 0.50
CA LYS A 40 9.33 3.44 0.09
C LYS A 40 9.78 2.64 1.29
N ARG A 41 9.74 3.30 2.42
CA ARG A 41 10.08 2.66 3.66
C ARG A 41 9.26 1.38 3.77
N VAL A 42 7.99 1.49 3.37
CA VAL A 42 7.05 0.37 3.38
C VAL A 42 7.39 -0.65 2.28
N VAL A 43 7.59 -0.17 1.05
CA VAL A 43 7.92 -1.07 -0.07
C VAL A 43 9.33 -1.62 0.12
N GLN A 44 10.27 -0.72 0.36
CA GLN A 44 11.66 -1.09 0.59
C GLN A 44 11.72 -2.12 1.71
N HIS A 45 10.84 -1.98 2.72
CA HIS A 45 10.80 -2.95 3.81
C HIS A 45 10.05 -4.20 3.37
N THR A 46 8.97 -4.00 2.63
CA THR A 46 8.14 -5.12 2.21
C THR A 46 8.99 -6.21 1.58
N LYS A 47 9.86 -5.83 0.67
CA LYS A 47 10.67 -6.83 0.02
C LYS A 47 11.76 -7.35 0.95
N GLY A 48 12.35 -6.47 1.74
CA GLY A 48 13.41 -6.87 2.66
C GLY A 48 13.01 -8.14 3.40
N CYS A 49 11.70 -8.35 3.54
CA CYS A 49 11.17 -9.54 4.22
C CYS A 49 10.44 -10.45 3.22
N LYS A 50 10.85 -11.73 3.17
CA LYS A 50 10.22 -12.68 2.26
C LYS A 50 8.94 -13.24 2.88
N ARG A 51 8.91 -13.32 4.20
CA ARG A 51 7.73 -13.80 4.90
C ARG A 51 6.60 -12.81 4.75
N LYS A 52 6.95 -11.53 4.87
CA LYS A 52 5.99 -10.46 4.75
C LYS A 52 5.46 -10.37 3.33
N THR A 53 6.35 -10.60 2.37
CA THR A 53 5.96 -10.52 0.97
C THR A 53 4.91 -11.57 0.66
N ASN A 54 4.84 -12.60 1.49
CA ASN A 54 3.87 -13.66 1.29
C ASN A 54 2.51 -13.25 1.84
N GLY A 55 2.43 -12.03 2.40
CA GLY A 55 1.17 -11.56 2.98
C GLY A 55 1.23 -11.62 4.49
N GLY A 56 2.36 -12.12 4.99
CA GLY A 56 2.55 -12.26 6.43
C GLY A 56 2.10 -11.02 7.17
N CYS A 57 2.59 -9.85 6.75
CA CYS A 57 2.25 -8.61 7.39
C CYS A 57 0.93 -8.03 6.90
N PRO A 58 0.08 -7.55 7.78
CA PRO A 58 -1.17 -6.89 7.34
C PRO A 58 -0.84 -5.84 6.28
N ILE A 59 0.38 -5.31 6.36
CA ILE A 59 0.84 -4.33 5.40
C ILE A 59 0.95 -4.98 4.02
N CYS A 60 1.51 -6.19 3.97
CA CYS A 60 1.62 -6.89 2.70
C CYS A 60 0.26 -7.45 2.32
N LYS A 61 -0.42 -8.01 3.30
CA LYS A 61 -1.72 -8.58 3.02
C LYS A 61 -2.63 -7.48 2.46
N GLN A 62 -2.62 -6.33 3.12
CA GLN A 62 -3.42 -5.20 2.67
C GLN A 62 -2.89 -4.63 1.37
N LEU A 63 -1.55 -4.51 1.26
CA LEU A 63 -0.95 -3.96 0.05
C LEU A 63 -1.23 -4.86 -1.16
N ILE A 64 -1.14 -6.17 -0.94
CA ILE A 64 -1.42 -7.10 -2.02
C ILE A 64 -2.87 -6.93 -2.49
N ALA A 65 -3.77 -6.78 -1.53
CA ALA A 65 -5.18 -6.57 -1.86
C ALA A 65 -5.37 -5.23 -2.53
N LEU A 66 -4.70 -4.20 -2.00
CA LEU A 66 -4.79 -2.87 -2.58
C LEU A 66 -4.24 -2.96 -4.00
N ALA A 67 -3.16 -3.72 -4.13
CA ALA A 67 -2.54 -3.94 -5.41
C ALA A 67 -3.50 -4.71 -6.31
N ALA A 68 -4.27 -5.62 -5.70
CA ALA A 68 -5.22 -6.40 -6.48
C ALA A 68 -6.17 -5.50 -7.24
N TYR A 69 -6.76 -4.54 -6.53
CA TYR A 69 -7.69 -3.60 -7.17
C TYR A 69 -6.98 -2.77 -8.23
N HIS A 70 -5.78 -2.29 -7.91
CA HIS A 70 -5.01 -1.48 -8.85
C HIS A 70 -4.56 -2.30 -10.06
N ALA A 71 -4.04 -3.49 -9.80
CA ALA A 71 -3.57 -4.37 -10.86
C ALA A 71 -4.71 -4.72 -11.80
N LYS A 72 -5.93 -4.67 -11.28
CA LYS A 72 -7.11 -4.96 -12.08
C LYS A 72 -7.40 -3.79 -13.02
N HIS A 73 -7.51 -2.59 -12.45
CA HIS A 73 -7.78 -1.42 -13.27
C HIS A 73 -6.67 -1.23 -14.28
N CYS A 74 -5.42 -1.42 -13.85
CA CYS A 74 -4.31 -1.31 -14.78
C CYS A 74 -4.28 -2.57 -15.63
N GLN A 75 -4.74 -2.44 -16.87
CA GLN A 75 -4.80 -3.58 -17.77
C GLN A 75 -3.45 -3.80 -18.44
N GLU A 76 -2.46 -3.04 -17.98
CA GLU A 76 -1.11 -3.13 -18.54
C GLU A 76 -0.09 -3.39 -17.47
N ASN A 77 1.00 -4.05 -17.87
CA ASN A 77 2.06 -4.34 -16.93
C ASN A 77 2.95 -3.12 -16.82
N LYS A 78 2.59 -2.21 -15.92
CA LYS A 78 3.36 -0.99 -15.76
C LYS A 78 4.85 -1.28 -15.85
N CYS A 79 5.35 -2.16 -14.96
CA CYS A 79 6.77 -2.61 -14.94
C CYS A 79 7.45 -2.39 -13.59
N PRO A 80 7.49 -1.19 -13.03
CA PRO A 80 8.17 -0.96 -11.71
C PRO A 80 7.39 -1.61 -10.57
N VAL A 81 6.05 -1.67 -10.68
CA VAL A 81 5.21 -2.25 -9.64
C VAL A 81 5.47 -3.77 -9.53
N PRO A 82 6.12 -4.25 -8.48
CA PRO A 82 6.43 -5.72 -8.36
C PRO A 82 5.19 -6.62 -8.43
N PHE A 83 4.20 -6.31 -7.60
CA PHE A 83 2.98 -7.12 -7.51
C PHE A 83 2.26 -7.22 -8.85
N CYS A 84 2.10 -6.09 -9.54
CA CYS A 84 1.39 -6.11 -10.81
C CYS A 84 1.98 -7.19 -11.71
N LEU A 85 3.30 -7.21 -11.82
CA LEU A 85 3.97 -8.21 -12.64
C LEU A 85 3.69 -9.61 -12.11
N ASN A 86 3.64 -9.74 -10.80
CA ASN A 86 3.41 -11.05 -10.18
C ASN A 86 2.03 -11.57 -10.54
N ILE A 87 1.05 -10.67 -10.67
CA ILE A 87 -0.31 -11.06 -11.00
C ILE A 87 -0.58 -10.98 -12.50
N LYS A 88 -0.25 -9.84 -13.12
CA LYS A 88 -0.49 -9.68 -14.56
C LYS A 88 0.47 -10.51 -15.42
N GLN A 89 1.75 -10.54 -15.05
CA GLN A 89 2.73 -11.31 -15.83
C GLN A 89 2.67 -12.79 -15.47
N LYS A 90 2.24 -13.06 -14.24
CA LYS A 90 2.14 -14.44 -13.71
C LYS A 90 2.06 -15.49 -14.83
N MET B 1 -25.42 -4.34 15.88
CA MET B 1 -26.91 -4.41 15.98
C MET B 1 -27.31 -4.60 17.44
N GLU B 2 -26.35 -5.04 18.26
CA GLU B 2 -26.61 -5.25 19.68
C GLU B 2 -26.90 -3.93 20.36
N GLU B 3 -26.29 -2.85 19.86
CA GLU B 3 -26.49 -1.52 20.41
C GLU B 3 -25.31 -0.60 20.02
N PRO B 4 -24.10 -1.10 20.02
CA PRO B 4 -22.91 -0.28 19.65
C PRO B 4 -23.04 0.29 18.23
N GLN B 5 -23.70 -0.51 17.38
CA GLN B 5 -23.92 -0.19 15.96
C GLN B 5 -22.75 -0.70 15.12
N SER B 6 -23.03 -1.70 14.27
CA SER B 6 -22.01 -2.32 13.41
C SER B 6 -20.76 -1.45 13.24
N ASP B 7 -19.66 -1.91 13.85
CA ASP B 7 -18.39 -1.18 13.78
C ASP B 7 -17.47 -1.71 12.67
N PRO B 8 -17.54 -2.98 12.35
CA PRO B 8 -16.67 -3.59 11.29
C PRO B 8 -16.74 -2.84 9.95
N SER B 9 -17.94 -2.32 9.61
CA SER B 9 -18.11 -1.59 8.35
C SER B 9 -18.13 -0.09 8.57
N VAL B 10 -18.33 0.31 9.82
CA VAL B 10 -18.38 1.72 10.18
C VAL B 10 -17.08 2.13 10.87
N GLU B 11 -16.08 2.52 10.08
CA GLU B 11 -14.78 2.91 10.62
C GLU B 11 -14.55 4.42 10.46
N PRO B 12 -14.83 5.21 11.48
CA PRO B 12 -14.65 6.68 11.41
C PRO B 12 -13.34 7.09 10.74
N PRO B 13 -13.37 7.55 9.50
CA PRO B 13 -12.12 7.96 8.79
C PRO B 13 -11.33 9.00 9.57
N LEU B 14 -10.04 8.73 9.77
CA LEU B 14 -9.17 9.63 10.51
C LEU B 14 -8.22 10.37 9.56
N SER B 15 -8.45 10.17 8.25
CA SER B 15 -7.62 10.80 7.22
C SER B 15 -6.40 9.91 6.93
N GLN B 16 -5.95 9.19 7.96
CA GLN B 16 -4.80 8.30 7.83
C GLN B 16 -5.27 6.87 8.01
N GLU B 17 -6.53 6.63 7.65
CA GLU B 17 -7.11 5.30 7.79
C GLU B 17 -6.13 4.23 7.33
N THR B 18 -5.71 4.32 6.07
CA THR B 18 -4.76 3.33 5.53
C THR B 18 -3.36 3.63 6.00
N PHE B 19 -2.89 4.86 5.77
CA PHE B 19 -1.54 5.24 6.17
C PHE B 19 -1.19 4.60 7.50
N SER B 20 -2.07 4.83 8.49
CA SER B 20 -1.90 4.31 9.83
C SER B 20 -1.19 2.96 9.80
N ASP B 21 -1.82 2.00 9.16
CA ASP B 21 -1.26 0.67 9.05
C ASP B 21 0.05 0.63 8.27
N LEU B 22 0.09 1.32 7.13
CA LEU B 22 1.28 1.28 6.29
C LEU B 22 2.58 1.33 7.09
N TRP B 23 2.88 2.48 7.71
CA TRP B 23 4.16 2.61 8.44
C TRP B 23 4.10 2.20 9.93
N LYS B 24 2.91 2.08 10.54
CA LYS B 24 2.86 1.70 11.96
C LYS B 24 2.78 0.19 12.19
N LEU B 25 2.40 -0.58 11.17
CA LEU B 25 2.33 -2.04 11.32
C LEU B 25 3.59 -2.68 10.75
N LEU B 26 4.68 -1.92 10.78
CA LEU B 26 5.94 -2.41 10.28
C LEU B 26 6.49 -3.52 11.21
N PRO B 27 6.62 -4.77 10.73
CA PRO B 27 7.08 -5.91 11.59
C PRO B 27 8.29 -5.53 12.45
N GLU B 28 9.13 -4.65 11.92
CA GLU B 28 10.31 -4.19 12.65
C GLU B 28 11.10 -3.19 11.81
N ASN B 29 11.60 -2.13 12.48
CA ASN B 29 12.43 -1.08 11.84
C ASN B 29 12.70 -1.39 10.38
N ASN B 30 11.83 -0.84 9.54
CA ASN B 30 11.87 -1.03 8.10
C ASN B 30 13.26 -1.42 7.61
N VAL B 31 13.30 -2.24 6.56
CA VAL B 31 14.57 -2.71 5.98
C VAL B 31 14.80 -2.02 4.64
N LEU B 32 15.98 -1.40 4.49
CA LEU B 32 16.31 -0.69 3.26
C LEU B 32 17.13 -1.57 2.32
N SER B 33 17.51 -2.76 2.81
CA SER B 33 18.31 -3.72 2.04
C SER B 33 18.18 -3.48 0.53
N PRO B 34 18.97 -2.59 -0.02
CA PRO B 34 18.91 -2.26 -1.48
C PRO B 34 19.20 -3.49 -2.36
N LEU B 35 18.58 -3.53 -3.53
CA LEU B 35 18.79 -4.63 -4.47
C LEU B 35 19.75 -4.18 -5.57
N PRO B 36 20.57 -5.06 -6.08
CA PRO B 36 21.53 -4.69 -7.16
C PRO B 36 20.80 -4.34 -8.46
N SER B 37 21.26 -3.28 -9.14
CA SER B 37 20.68 -2.80 -10.40
C SER B 37 19.82 -3.86 -11.06
N GLN B 38 20.38 -4.47 -12.07
CA GLN B 38 19.69 -5.52 -12.81
C GLN B 38 20.24 -6.88 -12.41
N ALA B 39 19.34 -7.80 -12.06
CA ALA B 39 19.75 -9.15 -11.66
C ALA B 39 19.55 -10.14 -12.80
N ALA A 1 -23.55 14.95 -3.53
CA ALA A 1 -24.46 14.58 -2.41
C ALA A 1 -24.13 13.16 -1.96
N THR A 2 -23.62 12.35 -2.88
CA THR A 2 -23.28 10.96 -2.56
C THR A 2 -22.14 10.90 -1.56
N GLN A 3 -21.20 11.83 -1.70
CA GLN A 3 -20.02 11.90 -0.81
C GLN A 3 -20.32 11.35 0.58
N SER A 4 -19.44 10.50 1.08
CA SER A 4 -19.62 9.90 2.40
C SER A 4 -18.34 9.21 2.83
N PRO A 5 -18.32 8.57 3.98
CA PRO A 5 -17.12 7.86 4.46
C PRO A 5 -16.68 6.87 3.42
N GLY A 6 -17.68 6.32 2.74
CA GLY A 6 -17.43 5.37 1.68
C GLY A 6 -16.57 6.05 0.62
N ASP A 7 -16.79 7.35 0.47
CA ASP A 7 -16.02 8.13 -0.49
C ASP A 7 -14.69 8.51 0.15
N SER A 8 -14.70 8.58 1.49
CA SER A 8 -13.51 8.89 2.23
C SER A 8 -12.57 7.69 2.19
N ARG A 9 -13.16 6.51 2.20
CA ARG A 9 -12.39 5.29 2.13
C ARG A 9 -11.80 5.15 0.74
N ARG A 10 -12.58 5.59 -0.24
CA ARG A 10 -12.13 5.57 -1.63
C ARG A 10 -11.05 6.62 -1.83
N LEU A 11 -11.21 7.74 -1.14
CA LEU A 11 -10.25 8.82 -1.19
C LEU A 11 -9.05 8.45 -0.33
N SER A 12 -9.28 7.61 0.67
CA SER A 12 -8.21 7.18 1.55
C SER A 12 -7.20 6.37 0.75
N ILE A 13 -7.69 5.42 -0.03
CA ILE A 13 -6.80 4.60 -0.84
C ILE A 13 -6.21 5.41 -1.99
N GLN A 14 -6.97 6.38 -2.51
CA GLN A 14 -6.51 7.20 -3.61
C GLN A 14 -5.23 7.94 -3.22
N ARG A 15 -5.20 8.44 -1.99
CA ARG A 15 -4.05 9.15 -1.47
C ARG A 15 -2.93 8.18 -1.22
N ALA A 16 -3.28 7.01 -0.71
CA ALA A 16 -2.30 5.98 -0.46
C ALA A 16 -1.79 5.47 -1.79
N ILE A 17 -2.73 5.34 -2.73
CA ILE A 17 -2.42 4.90 -4.07
C ILE A 17 -1.56 5.94 -4.75
N GLN A 18 -1.97 7.20 -4.67
CA GLN A 18 -1.20 8.26 -5.30
C GLN A 18 0.25 8.17 -4.84
N SER A 19 0.47 7.77 -3.59
CA SER A 19 1.83 7.63 -3.09
C SER A 19 2.38 6.25 -3.42
N LEU A 20 1.55 5.22 -3.26
CA LEU A 20 2.02 3.87 -3.59
C LEU A 20 2.33 3.78 -5.07
N VAL A 21 1.37 4.19 -5.90
CA VAL A 21 1.57 4.16 -7.34
C VAL A 21 2.74 5.09 -7.68
N HIS A 22 2.83 6.25 -7.06
CA HIS A 22 3.93 7.15 -7.37
C HIS A 22 5.24 6.64 -6.78
N ALA A 23 5.18 6.14 -5.55
CA ALA A 23 6.37 5.65 -4.87
C ALA A 23 6.87 4.30 -5.41
N ALA A 24 6.00 3.50 -6.01
CA ALA A 24 6.42 2.20 -6.53
C ALA A 24 6.80 2.30 -7.99
N GLN A 25 6.54 3.46 -8.56
CA GLN A 25 6.80 3.70 -9.96
C GLN A 25 7.71 4.91 -10.16
N CYS A 26 7.64 5.87 -9.24
CA CYS A 26 8.52 7.03 -9.32
C CYS A 26 9.65 6.82 -8.32
N ARG A 27 10.63 6.03 -8.74
CA ARG A 27 11.78 5.74 -7.89
C ARG A 27 12.79 6.87 -8.02
N ASN A 28 12.33 8.08 -7.74
CA ASN A 28 13.20 9.24 -7.82
C ASN A 28 14.27 9.20 -6.74
N ALA A 29 13.85 8.79 -5.53
CA ALA A 29 14.74 8.70 -4.37
C ALA A 29 14.63 9.97 -3.53
N ASN A 30 14.63 11.11 -4.21
CA ASN A 30 14.54 12.40 -3.53
C ASN A 30 13.09 12.88 -3.49
N CYS A 31 12.16 11.97 -3.82
CA CYS A 31 10.73 12.29 -3.83
C CYS A 31 10.39 13.33 -2.76
N SER A 32 9.82 14.45 -3.17
CA SER A 32 9.49 15.53 -2.25
C SER A 32 8.15 15.29 -1.57
N LEU A 33 7.61 14.09 -1.71
CA LEU A 33 6.34 13.75 -1.07
C LEU A 33 6.63 12.91 0.17
N PRO A 34 6.58 13.47 1.35
CA PRO A 34 6.88 12.69 2.58
C PRO A 34 6.16 11.35 2.56
N SER A 35 5.02 11.34 1.87
CA SER A 35 4.24 10.11 1.74
C SER A 35 5.02 9.08 0.93
N CYS A 36 5.79 9.53 -0.04
CA CYS A 36 6.57 8.62 -0.87
C CYS A 36 7.69 7.99 -0.05
N GLN A 37 8.51 8.84 0.56
CA GLN A 37 9.63 8.37 1.36
C GLN A 37 9.18 7.35 2.38
N LYS A 38 8.02 7.59 2.96
CA LYS A 38 7.50 6.71 3.97
C LYS A 38 6.93 5.46 3.30
N MET A 39 6.42 5.62 2.07
CA MET A 39 5.89 4.48 1.35
C MET A 39 7.02 3.63 0.83
N LYS A 40 8.11 4.26 0.46
CA LYS A 40 9.23 3.50 -0.01
C LYS A 40 9.71 2.67 1.14
N ARG A 41 9.76 3.30 2.29
CA ARG A 41 10.15 2.65 3.50
C ARG A 41 9.31 1.40 3.67
N VAL A 42 8.02 1.53 3.34
CA VAL A 42 7.07 0.41 3.41
C VAL A 42 7.32 -0.63 2.31
N VAL A 43 7.51 -0.16 1.07
CA VAL A 43 7.76 -1.06 -0.04
C VAL A 43 9.19 -1.61 0.05
N GLN A 44 10.14 -0.69 0.16
CA GLN A 44 11.54 -1.05 0.29
C GLN A 44 11.68 -2.07 1.42
N HIS A 45 10.83 -1.95 2.44
CA HIS A 45 10.88 -2.90 3.56
C HIS A 45 10.10 -4.15 3.22
N THR A 46 8.90 -3.95 2.69
CA THR A 46 8.05 -5.09 2.39
C THR A 46 8.80 -6.16 1.63
N LYS A 47 9.69 -5.76 0.74
CA LYS A 47 10.45 -6.71 -0.03
C LYS A 47 11.62 -7.27 0.78
N GLY A 48 12.16 -6.48 1.71
CA GLY A 48 13.28 -6.93 2.51
C GLY A 48 13.01 -8.33 3.04
N CYS A 49 11.73 -8.67 3.19
CA CYS A 49 11.35 -10.00 3.68
C CYS A 49 10.64 -10.80 2.59
N LYS A 50 11.01 -12.08 2.43
CA LYS A 50 10.42 -12.94 1.40
C LYS A 50 9.08 -13.52 1.86
N ARG A 51 8.99 -13.89 3.13
CA ARG A 51 7.75 -14.45 3.67
C ARG A 51 6.67 -13.40 3.63
N LYS A 52 7.06 -12.19 3.96
CA LYS A 52 6.16 -11.07 3.97
C LYS A 52 5.68 -10.78 2.56
N THR A 53 6.61 -10.78 1.63
CA THR A 53 6.30 -10.49 0.25
C THR A 53 5.18 -11.37 -0.28
N ASN A 54 4.86 -12.43 0.47
CA ASN A 54 3.81 -13.36 0.06
C ASN A 54 2.48 -13.05 0.75
N GLY A 55 2.43 -11.93 1.49
CA GLY A 55 1.21 -11.57 2.20
C GLY A 55 1.38 -11.86 3.68
N GLY A 56 2.56 -12.39 4.03
CA GLY A 56 2.84 -12.75 5.41
C GLY A 56 2.33 -11.69 6.38
N CYS A 57 2.82 -10.46 6.25
CA CYS A 57 2.42 -9.42 7.18
C CYS A 57 1.17 -8.67 6.69
N PRO A 58 0.48 -7.97 7.57
CA PRO A 58 -0.73 -7.18 7.18
C PRO A 58 -0.38 -6.11 6.14
N ILE A 59 0.84 -5.61 6.21
CA ILE A 59 1.28 -4.60 5.25
C ILE A 59 1.28 -5.21 3.88
N CYS A 60 1.86 -6.39 3.77
CA CYS A 60 1.92 -7.05 2.50
C CYS A 60 0.55 -7.59 2.11
N LYS A 61 -0.14 -8.17 3.07
CA LYS A 61 -1.46 -8.69 2.79
C LYS A 61 -2.37 -7.55 2.35
N GLN A 62 -2.29 -6.43 3.08
CA GLN A 62 -3.09 -5.27 2.76
C GLN A 62 -2.63 -4.64 1.44
N LEU A 63 -1.31 -4.55 1.26
CA LEU A 63 -0.75 -3.95 0.04
C LEU A 63 -1.12 -4.80 -1.17
N ILE A 64 -1.03 -6.12 -1.04
CA ILE A 64 -1.38 -7.00 -2.14
C ILE A 64 -2.85 -6.79 -2.50
N ALA A 65 -3.69 -6.65 -1.49
CA ALA A 65 -5.11 -6.42 -1.72
C ALA A 65 -5.32 -5.05 -2.37
N LEU A 66 -4.66 -4.04 -1.82
CA LEU A 66 -4.76 -2.70 -2.38
C LEU A 66 -4.29 -2.77 -3.82
N ALA A 67 -3.21 -3.51 -4.01
CA ALA A 67 -2.65 -3.72 -5.32
C ALA A 67 -3.64 -4.47 -6.20
N ALA A 68 -4.38 -5.40 -5.59
CA ALA A 68 -5.37 -6.16 -6.34
C ALA A 68 -6.32 -5.22 -7.06
N TYR A 69 -6.84 -4.24 -6.31
CA TYR A 69 -7.75 -3.26 -6.90
C TYR A 69 -7.04 -2.47 -8.02
N HIS A 70 -5.79 -2.06 -7.76
CA HIS A 70 -5.04 -1.30 -8.74
C HIS A 70 -4.70 -2.14 -9.97
N ALA A 71 -4.23 -3.37 -9.73
CA ALA A 71 -3.87 -4.27 -10.82
C ALA A 71 -5.09 -4.60 -11.67
N LYS A 72 -6.28 -4.44 -11.08
CA LYS A 72 -7.52 -4.69 -11.80
C LYS A 72 -7.81 -3.52 -12.73
N HIS A 73 -7.86 -2.32 -12.17
CA HIS A 73 -8.12 -1.15 -12.97
C HIS A 73 -7.02 -0.98 -14.02
N CYS A 74 -5.77 -1.15 -13.60
CA CYS A 74 -4.68 -1.06 -14.55
C CYS A 74 -4.64 -2.36 -15.32
N GLN A 75 -5.13 -2.33 -16.56
CA GLN A 75 -5.19 -3.52 -17.38
C GLN A 75 -3.84 -3.74 -18.05
N GLU A 76 -2.93 -2.83 -17.79
CA GLU A 76 -1.58 -2.89 -18.36
C GLU A 76 -0.56 -3.20 -17.29
N ASN A 77 0.45 -3.97 -17.67
CA ASN A 77 1.50 -4.33 -16.75
C ASN A 77 2.47 -3.17 -16.65
N LYS A 78 2.20 -2.26 -15.72
CA LYS A 78 3.06 -1.07 -15.55
C LYS A 78 4.53 -1.47 -15.70
N CYS A 79 5.00 -2.37 -14.83
CA CYS A 79 6.39 -2.90 -14.86
C CYS A 79 7.17 -2.62 -13.56
N PRO A 80 7.20 -1.41 -13.05
CA PRO A 80 7.95 -1.10 -11.81
C PRO A 80 7.18 -1.54 -10.56
N VAL A 81 5.95 -2.04 -10.74
CA VAL A 81 5.13 -2.50 -9.62
C VAL A 81 5.26 -4.03 -9.48
N PRO A 82 5.99 -4.54 -8.50
CA PRO A 82 6.18 -6.01 -8.32
C PRO A 82 4.87 -6.80 -8.32
N PHE A 83 3.94 -6.36 -7.51
CA PHE A 83 2.66 -7.05 -7.37
C PHE A 83 1.94 -7.19 -8.70
N CYS A 84 1.88 -6.12 -9.49
CA CYS A 84 1.20 -6.18 -10.77
C CYS A 84 1.80 -7.31 -11.60
N LEU A 85 3.11 -7.36 -11.63
CA LEU A 85 3.81 -8.40 -12.38
C LEU A 85 3.47 -9.77 -11.80
N ASN A 86 3.30 -9.83 -10.49
CA ASN A 86 2.99 -11.09 -9.84
C ASN A 86 1.62 -11.61 -10.23
N ILE A 87 0.68 -10.68 -10.43
CA ILE A 87 -0.69 -11.04 -10.79
C ILE A 87 -0.91 -11.00 -12.31
N LYS A 88 -0.56 -9.89 -12.93
CA LYS A 88 -0.76 -9.74 -14.38
C LYS A 88 0.18 -10.62 -15.19
N GLN A 89 1.45 -10.73 -14.78
CA GLN A 89 2.40 -11.56 -15.53
C GLN A 89 2.26 -13.02 -15.13
N LYS A 90 1.83 -13.25 -13.88
CA LYS A 90 1.65 -14.61 -13.34
C LYS A 90 1.49 -15.66 -14.45
N MET B 1 -24.22 -3.86 15.25
CA MET B 1 -25.23 -4.95 15.07
C MET B 1 -25.83 -5.30 16.42
N GLU B 2 -25.01 -5.87 17.29
CA GLU B 2 -25.47 -6.26 18.62
C GLU B 2 -25.82 -5.03 19.44
N GLU B 3 -25.09 -3.93 19.21
CA GLU B 3 -25.33 -2.67 19.92
C GLU B 3 -24.15 -1.71 19.72
N PRO B 4 -22.93 -2.20 19.84
CA PRO B 4 -21.72 -1.35 19.66
C PRO B 4 -21.72 -0.63 18.32
N GLN B 5 -22.23 -1.33 17.30
CA GLN B 5 -22.31 -0.85 15.92
C GLN B 5 -21.04 -1.20 15.17
N SER B 6 -21.11 -2.29 14.37
CA SER B 6 -19.96 -2.78 13.59
C SER B 6 -18.87 -1.72 13.42
N ASP B 7 -17.69 -2.01 13.95
CA ASP B 7 -16.55 -1.09 13.86
C ASP B 7 -15.61 -1.45 12.71
N PRO B 8 -15.47 -2.72 12.38
CA PRO B 8 -14.57 -3.16 11.27
C PRO B 8 -14.87 -2.44 9.95
N SER B 9 -16.14 -2.11 9.72
CA SER B 9 -16.53 -1.42 8.48
C SER B 9 -16.74 0.06 8.72
N VAL B 10 -17.01 0.41 9.96
CA VAL B 10 -17.23 1.80 10.34
C VAL B 10 -15.95 2.37 10.94
N GLU B 11 -15.07 2.87 10.07
CA GLU B 11 -13.79 3.42 10.51
C GLU B 11 -13.76 4.93 10.31
N PRO B 12 -14.09 5.71 11.33
CA PRO B 12 -14.11 7.20 11.23
C PRO B 12 -12.87 7.75 10.51
N PRO B 13 -12.98 8.18 9.26
CA PRO B 13 -11.81 8.72 8.49
C PRO B 13 -11.12 9.88 9.23
N LEU B 14 -9.85 9.69 9.59
CA LEU B 14 -9.09 10.73 10.28
C LEU B 14 -8.08 11.34 9.32
N SER B 15 -8.26 11.07 8.03
CA SER B 15 -7.36 11.56 6.98
C SER B 15 -6.21 10.58 6.77
N GLN B 16 -5.84 9.88 7.85
CA GLN B 16 -4.76 8.90 7.81
C GLN B 16 -5.35 7.52 8.01
N GLU B 17 -6.59 7.35 7.56
CA GLU B 17 -7.29 6.09 7.71
C GLU B 17 -6.39 4.92 7.29
N THR B 18 -5.94 4.94 6.03
CA THR B 18 -5.08 3.87 5.53
C THR B 18 -3.65 4.04 6.01
N PHE B 19 -3.09 5.23 5.77
CA PHE B 19 -1.71 5.50 6.16
C PHE B 19 -1.39 4.82 7.48
N SER B 20 -2.22 5.11 8.49
CA SER B 20 -2.07 4.53 9.83
C SER B 20 -1.51 3.13 9.75
N ASP B 21 -2.26 2.26 9.10
CA ASP B 21 -1.87 0.87 8.96
C ASP B 21 -0.57 0.70 8.15
N LEU B 22 -0.46 1.40 7.04
CA LEU B 22 0.71 1.25 6.18
C LEU B 22 2.01 1.13 6.97
N TRP B 23 2.45 2.20 7.62
CA TRP B 23 3.74 2.16 8.33
C TRP B 23 3.65 1.69 9.80
N LYS B 24 2.46 1.69 10.41
CA LYS B 24 2.37 1.28 11.82
C LYS B 24 2.09 -0.21 11.99
N LEU B 25 1.65 -0.91 10.93
CA LEU B 25 1.39 -2.35 11.03
C LEU B 25 2.51 -3.16 10.39
N LEU B 26 3.72 -2.59 10.41
CA LEU B 26 4.87 -3.29 9.84
C LEU B 26 5.36 -4.38 10.80
N PRO B 27 5.94 -5.45 10.28
CA PRO B 27 6.42 -6.57 11.13
C PRO B 27 6.99 -6.08 12.46
N GLU B 28 8.11 -5.35 12.40
CA GLU B 28 8.75 -4.78 13.59
C GLU B 28 10.22 -4.46 13.31
N ASN B 29 10.49 -3.20 12.90
CA ASN B 29 11.85 -2.70 12.59
C ASN B 29 12.07 -2.62 11.09
N ASN B 30 11.44 -1.60 10.46
CA ASN B 30 11.56 -1.40 9.01
C ASN B 30 12.89 -1.94 8.49
N VAL B 31 12.84 -2.75 7.44
CA VAL B 31 14.06 -3.33 6.86
C VAL B 31 14.50 -2.54 5.63
N LEU B 32 15.77 -2.15 5.59
CA LEU B 32 16.29 -1.37 4.47
C LEU B 32 17.09 -2.26 3.52
N SER B 33 17.12 -3.56 3.84
CA SER B 33 17.84 -4.56 3.04
C SER B 33 18.10 -4.08 1.62
N PRO B 34 19.17 -3.34 1.41
CA PRO B 34 19.51 -2.79 0.07
C PRO B 34 19.70 -3.91 -0.97
N LEU B 35 19.26 -3.64 -2.20
CA LEU B 35 19.36 -4.61 -3.29
C LEU B 35 20.32 -4.09 -4.37
N PRO B 36 21.60 -4.35 -4.23
CA PRO B 36 22.60 -3.88 -5.22
C PRO B 36 22.26 -4.38 -6.61
N SER B 37 21.82 -3.46 -7.48
CA SER B 37 21.45 -3.76 -8.88
C SER B 37 21.84 -5.18 -9.29
N GLN B 38 21.20 -6.16 -8.66
CA GLN B 38 21.48 -7.56 -8.93
C GLN B 38 20.42 -8.13 -9.87
N ALA B 39 20.87 -8.72 -10.96
CA ALA B 39 19.96 -9.31 -11.93
C ALA B 39 19.89 -10.82 -11.77
N ALA A 1 -18.99 16.30 -0.35
CA ALA A 1 -19.93 16.50 0.78
C ALA A 1 -20.57 15.17 1.14
N THR A 2 -21.11 14.49 0.13
CA THR A 2 -21.76 13.20 0.36
C THR A 2 -20.75 12.15 0.80
N GLN A 3 -19.51 12.28 0.32
CA GLN A 3 -18.42 11.35 0.65
C GLN A 3 -18.62 10.73 2.04
N SER A 4 -19.01 9.45 2.05
CA SER A 4 -19.22 8.74 3.32
C SER A 4 -17.97 7.97 3.67
N PRO A 5 -17.98 7.26 4.77
CA PRO A 5 -16.82 6.46 5.19
C PRO A 5 -16.43 5.52 4.08
N GLY A 6 -17.45 5.02 3.42
CA GLY A 6 -17.24 4.12 2.31
C GLY A 6 -16.43 4.84 1.24
N ASP A 7 -16.67 6.13 1.11
CA ASP A 7 -15.94 6.95 0.15
C ASP A 7 -14.62 7.36 0.77
N SER A 8 -14.59 7.38 2.10
CA SER A 8 -13.38 7.71 2.83
C SER A 8 -12.41 6.56 2.71
N ARG A 9 -12.97 5.36 2.71
CA ARG A 9 -12.17 4.16 2.56
C ARG A 9 -11.60 4.11 1.15
N ARG A 10 -12.43 4.53 0.21
CA ARG A 10 -12.03 4.58 -1.18
C ARG A 10 -11.05 5.71 -1.40
N LEU A 11 -11.28 6.81 -0.70
CA LEU A 11 -10.40 7.96 -0.79
C LEU A 11 -9.14 7.68 0.03
N SER A 12 -9.28 6.83 1.04
CA SER A 12 -8.14 6.48 1.88
C SER A 12 -7.10 5.76 1.03
N ILE A 13 -7.56 4.77 0.26
CA ILE A 13 -6.64 4.04 -0.59
C ILE A 13 -6.19 4.89 -1.78
N GLN A 14 -7.03 5.83 -2.20
CA GLN A 14 -6.71 6.68 -3.33
C GLN A 14 -5.46 7.50 -3.02
N ARG A 15 -5.39 8.01 -1.80
CA ARG A 15 -4.26 8.80 -1.34
C ARG A 15 -3.07 7.89 -1.16
N ALA A 16 -3.32 6.68 -0.65
CA ALA A 16 -2.26 5.72 -0.47
C ALA A 16 -1.80 5.29 -1.85
N ILE A 17 -2.77 5.14 -2.74
CA ILE A 17 -2.51 4.76 -4.12
C ILE A 17 -1.71 5.88 -4.79
N GLN A 18 -2.15 7.11 -4.62
CA GLN A 18 -1.44 8.22 -5.23
C GLN A 18 0.03 8.16 -4.86
N SER A 19 0.33 7.71 -3.63
CA SER A 19 1.73 7.59 -3.21
C SER A 19 2.27 6.22 -3.59
N LEU A 20 1.50 5.16 -3.42
CA LEU A 20 2.00 3.85 -3.80
C LEU A 20 2.28 3.82 -5.30
N VAL A 21 1.31 4.24 -6.09
CA VAL A 21 1.49 4.26 -7.53
C VAL A 21 2.62 5.22 -7.90
N HIS A 22 2.61 6.43 -7.31
CA HIS A 22 3.65 7.40 -7.62
C HIS A 22 4.99 6.98 -7.05
N ALA A 23 5.00 6.62 -5.78
CA ALA A 23 6.24 6.19 -5.12
C ALA A 23 6.80 4.94 -5.76
N ALA A 24 5.92 4.09 -6.32
CA ALA A 24 6.36 2.86 -6.94
C ALA A 24 6.70 3.09 -8.41
N GLN A 25 6.49 4.31 -8.87
CA GLN A 25 6.78 4.71 -10.23
C GLN A 25 7.88 5.76 -10.26
N CYS A 26 7.92 6.57 -9.20
CA CYS A 26 8.96 7.58 -9.08
C CYS A 26 9.98 7.09 -8.09
N ARG A 27 10.87 6.24 -8.59
CA ARG A 27 11.93 5.66 -7.77
C ARG A 27 13.12 6.61 -7.74
N ASN A 28 12.82 7.88 -7.49
CA ASN A 28 13.85 8.91 -7.44
C ASN A 28 14.77 8.68 -6.25
N ALA A 29 14.16 8.30 -5.12
CA ALA A 29 14.87 8.05 -3.86
C ALA A 29 14.82 9.30 -2.98
N ASN A 30 15.07 10.44 -3.59
CA ASN A 30 15.06 11.71 -2.88
C ASN A 30 13.70 12.39 -3.02
N CYS A 31 12.69 11.63 -3.47
CA CYS A 31 11.34 12.16 -3.67
C CYS A 31 11.03 13.26 -2.64
N SER A 32 10.41 14.35 -3.10
CA SER A 32 10.09 15.47 -2.22
C SER A 32 8.70 15.36 -1.62
N LEU A 33 8.04 14.23 -1.82
CA LEU A 33 6.70 14.01 -1.27
C LEU A 33 6.83 13.16 -0.01
N PRO A 34 6.69 13.73 1.17
CA PRO A 34 6.84 12.96 2.43
C PRO A 34 6.10 11.62 2.34
N SER A 35 4.99 11.62 1.64
CA SER A 35 4.21 10.41 1.47
C SER A 35 5.02 9.37 0.72
N CYS A 36 5.83 9.82 -0.25
CA CYS A 36 6.64 8.89 -1.02
C CYS A 36 7.75 8.28 -0.17
N GLN A 37 8.54 9.13 0.47
CA GLN A 37 9.64 8.67 1.29
C GLN A 37 9.18 7.67 2.31
N LYS A 38 8.00 7.91 2.84
CA LYS A 38 7.45 7.02 3.83
C LYS A 38 6.95 5.76 3.15
N MET A 39 6.47 5.89 1.91
CA MET A 39 6.00 4.73 1.17
C MET A 39 7.18 3.90 0.71
N LYS A 40 8.27 4.57 0.39
CA LYS A 40 9.43 3.82 0.00
C LYS A 40 9.88 3.04 1.20
N ARG A 41 9.81 3.68 2.33
CA ARG A 41 10.16 3.05 3.57
C ARG A 41 9.35 1.77 3.69
N VAL A 42 8.09 1.86 3.27
CA VAL A 42 7.16 0.73 3.29
C VAL A 42 7.51 -0.32 2.22
N VAL A 43 7.76 0.16 0.99
CA VAL A 43 8.11 -0.75 -0.11
C VAL A 43 9.53 -1.26 0.05
N GLN A 44 10.46 -0.33 0.25
CA GLN A 44 11.86 -0.66 0.43
C GLN A 44 11.99 -1.65 1.60
N HIS A 45 11.17 -1.50 2.63
CA HIS A 45 11.21 -2.40 3.76
C HIS A 45 10.45 -3.69 3.42
N THR A 46 9.40 -3.56 2.66
CA THR A 46 8.59 -4.72 2.35
C THR A 46 9.40 -5.81 1.70
N LYS A 47 10.21 -5.46 0.73
CA LYS A 47 11.00 -6.46 0.04
C LYS A 47 12.08 -7.05 0.94
N GLY A 48 12.73 -6.20 1.73
CA GLY A 48 13.79 -6.66 2.61
C GLY A 48 13.36 -7.91 3.37
N CYS A 49 12.06 -8.10 3.47
CA CYS A 49 11.49 -9.26 4.17
C CYS A 49 10.76 -10.19 3.19
N LYS A 50 11.19 -11.46 3.12
CA LYS A 50 10.58 -12.43 2.22
C LYS A 50 9.32 -13.05 2.85
N ARG A 51 9.33 -13.22 4.16
CA ARG A 51 8.18 -13.79 4.84
C ARG A 51 7.00 -12.84 4.73
N LYS A 52 7.30 -11.56 4.92
CA LYS A 52 6.30 -10.52 4.84
C LYS A 52 5.79 -10.41 3.41
N THR A 53 6.68 -10.58 2.45
CA THR A 53 6.27 -10.47 1.06
C THR A 53 5.24 -11.54 0.74
N ASN A 54 5.23 -12.60 1.54
CA ASN A 54 4.29 -13.68 1.34
C ASN A 54 2.93 -13.27 1.87
N GLY A 55 2.84 -12.06 2.46
CA GLY A 55 1.58 -11.57 3.02
C GLY A 55 1.61 -11.65 4.54
N GLY A 56 2.73 -12.16 5.06
CA GLY A 56 2.88 -12.32 6.50
C GLY A 56 2.50 -11.05 7.25
N CYS A 57 2.95 -9.90 6.75
CA CYS A 57 2.67 -8.64 7.41
C CYS A 57 1.35 -8.03 6.95
N PRO A 58 0.54 -7.52 7.84
CA PRO A 58 -0.70 -6.83 7.44
C PRO A 58 -0.38 -5.78 6.37
N ILE A 59 0.85 -5.27 6.43
CA ILE A 59 1.31 -4.29 5.45
C ILE A 59 1.37 -4.95 4.08
N CYS A 60 1.92 -6.16 4.02
CA CYS A 60 2.00 -6.85 2.75
C CYS A 60 0.64 -7.42 2.38
N LYS A 61 -0.05 -7.96 3.36
CA LYS A 61 -1.36 -8.53 3.09
C LYS A 61 -2.27 -7.47 2.50
N GLN A 62 -2.31 -6.32 3.15
CA GLN A 62 -3.14 -5.21 2.69
C GLN A 62 -2.59 -4.61 1.40
N LEU A 63 -1.27 -4.45 1.32
CA LEU A 63 -0.64 -3.87 0.12
C LEU A 63 -0.88 -4.77 -1.09
N ILE A 64 -0.74 -6.07 -0.89
CA ILE A 64 -0.96 -7.01 -1.99
C ILE A 64 -2.41 -6.92 -2.46
N ALA A 65 -3.34 -6.83 -1.51
CA ALA A 65 -4.75 -6.70 -1.85
C ALA A 65 -5.01 -5.37 -2.51
N LEU A 66 -4.42 -4.31 -1.95
CA LEU A 66 -4.57 -2.99 -2.53
C LEU A 66 -4.00 -3.03 -3.93
N ALA A 67 -2.87 -3.70 -4.04
CA ALA A 67 -2.21 -3.87 -5.31
C ALA A 67 -3.10 -4.68 -6.24
N ALA A 68 -3.86 -5.61 -5.66
CA ALA A 68 -4.76 -6.43 -6.45
C ALA A 68 -5.75 -5.55 -7.21
N TYR A 69 -6.36 -4.61 -6.50
CA TYR A 69 -7.32 -3.72 -7.12
C TYR A 69 -6.65 -2.88 -8.22
N HIS A 70 -5.46 -2.35 -7.92
CA HIS A 70 -4.73 -1.54 -8.89
C HIS A 70 -4.23 -2.37 -10.07
N ALA A 71 -3.60 -3.50 -9.78
CA ALA A 71 -3.07 -4.38 -10.82
C ALA A 71 -4.19 -4.88 -11.72
N LYS A 72 -5.41 -4.89 -11.19
CA LYS A 72 -6.57 -5.32 -11.96
C LYS A 72 -6.98 -4.22 -12.93
N HIS A 73 -7.20 -3.01 -12.41
CA HIS A 73 -7.58 -1.91 -13.26
C HIS A 73 -6.52 -1.67 -14.31
N CYS A 74 -5.26 -1.76 -13.92
CA CYS A 74 -4.18 -1.60 -14.87
C CYS A 74 -4.09 -2.88 -15.68
N GLN A 75 -4.57 -2.83 -16.91
CA GLN A 75 -4.57 -4.00 -17.77
C GLN A 75 -3.20 -4.18 -18.42
N GLU A 76 -2.31 -3.26 -18.09
CA GLU A 76 -0.94 -3.28 -18.62
C GLU A 76 0.07 -3.47 -17.52
N ASN A 77 1.17 -4.14 -17.86
CA ASN A 77 2.23 -4.37 -16.90
C ASN A 77 3.08 -3.12 -16.84
N LYS A 78 2.72 -2.20 -15.96
CA LYS A 78 3.46 -0.94 -15.85
C LYS A 78 4.97 -1.20 -15.94
N CYS A 79 5.49 -2.07 -15.04
CA CYS A 79 6.91 -2.49 -15.01
C CYS A 79 7.62 -2.20 -13.67
N PRO A 80 7.58 -0.99 -13.14
CA PRO A 80 8.28 -0.69 -11.85
C PRO A 80 7.56 -1.33 -10.66
N VAL A 81 6.22 -1.45 -10.76
CA VAL A 81 5.43 -2.03 -9.67
C VAL A 81 5.73 -3.54 -9.53
N PRO A 82 6.39 -3.98 -8.47
CA PRO A 82 6.73 -5.44 -8.31
C PRO A 82 5.51 -6.37 -8.34
N PHE A 83 4.53 -6.05 -7.53
CA PHE A 83 3.33 -6.89 -7.41
C PHE A 83 2.60 -7.04 -8.74
N CYS A 84 2.40 -5.94 -9.46
CA CYS A 84 1.69 -6.02 -10.72
C CYS A 84 2.31 -7.09 -11.62
N LEU A 85 3.63 -7.08 -11.71
CA LEU A 85 4.33 -8.07 -12.52
C LEU A 85 4.12 -9.47 -11.94
N ASN A 86 4.09 -9.55 -10.63
CA ASN A 86 3.92 -10.84 -9.97
C ASN A 86 2.57 -11.45 -10.30
N ILE A 87 1.57 -10.60 -10.46
CA ILE A 87 0.21 -11.07 -10.77
C ILE A 87 -0.07 -11.05 -12.27
N LYS A 88 0.21 -9.92 -12.93
CA LYS A 88 -0.05 -9.79 -14.36
C LYS A 88 0.96 -10.57 -15.22
N GLN A 89 2.24 -10.51 -14.87
CA GLN A 89 3.26 -11.21 -15.67
C GLN A 89 3.31 -12.69 -15.30
N LYS A 90 2.94 -12.98 -14.04
CA LYS A 90 2.94 -14.35 -13.51
C LYS A 90 2.88 -15.41 -14.62
N MET B 1 -32.17 -6.83 14.35
CA MET B 1 -31.14 -7.15 15.37
C MET B 1 -30.16 -5.98 15.48
N GLU B 2 -30.39 -4.94 14.68
CA GLU B 2 -29.53 -3.76 14.68
C GLU B 2 -29.68 -2.99 15.99
N GLU B 3 -28.59 -2.36 16.43
CA GLU B 3 -28.60 -1.55 17.66
C GLU B 3 -27.17 -1.23 18.08
N PRO B 4 -26.29 -2.20 18.06
CA PRO B 4 -24.86 -1.98 18.46
C PRO B 4 -24.22 -0.87 17.64
N GLN B 5 -24.65 -0.78 16.38
CA GLN B 5 -24.15 0.21 15.40
C GLN B 5 -22.95 -0.34 14.65
N SER B 6 -23.22 -1.31 13.76
CA SER B 6 -22.17 -1.97 12.96
C SER B 6 -20.87 -1.18 12.93
N ASP B 7 -19.84 -1.72 13.59
CA ASP B 7 -18.53 -1.07 13.65
C ASP B 7 -17.55 -1.62 12.60
N PRO B 8 -17.66 -2.88 12.24
CA PRO B 8 -16.73 -3.50 11.23
C PRO B 8 -16.68 -2.70 9.92
N SER B 9 -17.81 -2.12 9.51
CA SER B 9 -17.86 -1.35 8.26
C SER B 9 -17.84 0.14 8.52
N VAL B 10 -18.17 0.51 9.74
CA VAL B 10 -18.20 1.92 10.15
C VAL B 10 -16.95 2.25 10.94
N GLU B 11 -15.87 2.57 10.24
CA GLU B 11 -14.60 2.90 10.88
C GLU B 11 -14.30 4.40 10.75
N PRO B 12 -14.61 5.21 11.74
CA PRO B 12 -14.36 6.68 11.70
C PRO B 12 -13.01 7.04 11.06
N PRO B 13 -12.98 7.47 9.82
CA PRO B 13 -11.69 7.84 9.14
C PRO B 13 -10.91 8.88 9.94
N LEU B 14 -9.62 8.60 10.15
CA LEU B 14 -8.76 9.52 10.89
C LEU B 14 -7.80 10.24 9.95
N SER B 15 -8.03 10.07 8.64
CA SER B 15 -7.19 10.68 7.61
C SER B 15 -6.00 9.79 7.29
N GLN B 16 -5.52 9.05 8.30
CA GLN B 16 -4.40 8.15 8.13
C GLN B 16 -4.89 6.73 8.28
N GLU B 17 -6.14 6.51 7.90
CA GLU B 17 -6.75 5.20 8.01
C GLU B 17 -5.78 4.12 7.55
N THR B 18 -5.39 4.16 6.28
CA THR B 18 -4.46 3.17 5.75
C THR B 18 -3.03 3.50 6.12
N PHE B 19 -2.60 4.74 5.84
CA PHE B 19 -1.23 5.16 6.14
C PHE B 19 -0.78 4.55 7.45
N SER B 20 -1.59 4.81 8.49
CA SER B 20 -1.30 4.31 9.84
C SER B 20 -0.60 2.98 9.78
N ASP B 21 -1.27 1.99 9.23
CA ASP B 21 -0.72 0.66 9.13
C ASP B 21 0.53 0.59 8.25
N LEU B 22 0.50 1.25 7.10
CA LEU B 22 1.63 1.17 6.18
C LEU B 22 2.98 1.25 6.88
N TRP B 23 3.32 2.42 7.44
CA TRP B 23 4.65 2.59 8.05
C TRP B 23 4.71 2.26 9.56
N LYS B 24 3.58 2.18 10.26
CA LYS B 24 3.66 1.89 11.71
C LYS B 24 3.61 0.39 12.03
N LEU B 25 3.28 -0.47 11.06
CA LEU B 25 3.23 -1.91 11.34
C LEU B 25 4.52 -2.63 10.93
N LEU B 26 5.51 -1.89 10.40
CA LEU B 26 6.77 -2.48 10.00
C LEU B 26 7.19 -3.62 10.96
N PRO B 27 7.17 -4.87 10.56
CA PRO B 27 7.55 -5.95 11.48
C PRO B 27 8.91 -5.65 12.10
N GLU B 28 9.87 -5.34 11.23
CA GLU B 28 11.24 -5.08 11.66
C GLU B 28 11.79 -3.78 11.12
N ASN B 29 12.42 -3.01 12.01
CA ASN B 29 13.05 -1.73 11.67
C ASN B 29 13.30 -1.63 10.18
N ASN B 30 12.38 -0.95 9.54
CA ASN B 30 12.37 -0.75 8.09
C ASN B 30 13.72 -1.08 7.46
N VAL B 31 13.68 -1.85 6.38
CA VAL B 31 14.92 -2.28 5.70
C VAL B 31 15.08 -1.54 4.38
N LEU B 32 16.24 -0.88 4.20
CA LEU B 32 16.50 -0.13 2.97
C LEU B 32 17.31 -0.98 1.99
N SER B 33 18.27 -1.74 2.53
CA SER B 33 19.15 -2.61 1.73
C SER B 33 18.52 -2.98 0.38
N PRO B 34 18.70 -2.14 -0.62
CA PRO B 34 18.11 -2.40 -1.98
C PRO B 34 18.66 -3.68 -2.60
N LEU B 35 17.81 -4.38 -3.35
CA LEU B 35 18.22 -5.63 -4.02
C LEU B 35 18.45 -5.36 -5.50
N PRO B 36 19.40 -6.03 -6.12
CA PRO B 36 19.69 -5.85 -7.57
C PRO B 36 18.56 -6.38 -8.44
N SER B 37 18.33 -5.69 -9.57
CA SER B 37 17.27 -6.06 -10.54
C SER B 37 16.76 -7.48 -10.32
N GLN B 38 15.81 -7.62 -9.41
CA GLN B 38 15.24 -8.93 -9.10
C GLN B 38 13.96 -9.16 -9.89
N ALA B 39 13.21 -8.08 -10.13
CA ALA B 39 11.96 -8.17 -10.88
C ALA B 39 12.16 -7.68 -12.31
N ALA A 1 -25.41 11.02 0.12
CA ALA A 1 -25.13 9.55 0.00
C ALA A 1 -23.85 9.35 -0.81
N THR A 2 -23.62 10.24 -1.76
CA THR A 2 -22.42 10.15 -2.60
C THR A 2 -21.16 10.28 -1.76
N GLN A 3 -21.13 11.31 -0.90
CA GLN A 3 -19.98 11.55 -0.04
C GLN A 3 -20.23 10.99 1.35
N SER A 4 -19.30 10.20 1.85
CA SER A 4 -19.42 9.60 3.18
C SER A 4 -18.11 8.92 3.56
N PRO A 5 -18.05 8.30 4.70
CA PRO A 5 -16.81 7.59 5.13
C PRO A 5 -16.41 6.61 4.07
N GLY A 6 -17.42 6.05 3.44
CA GLY A 6 -17.21 5.11 2.36
C GLY A 6 -16.40 5.80 1.27
N ASP A 7 -16.63 7.10 1.12
CA ASP A 7 -15.90 7.90 0.14
C ASP A 7 -14.56 8.29 0.75
N SER A 8 -14.53 8.34 2.07
CA SER A 8 -13.30 8.66 2.79
C SER A 8 -12.36 7.47 2.70
N ARG A 9 -12.95 6.28 2.73
CA ARG A 9 -12.17 5.06 2.61
C ARG A 9 -11.61 4.95 1.22
N ARG A 10 -12.41 5.40 0.27
CA ARG A 10 -12.00 5.40 -1.13
C ARG A 10 -10.95 6.48 -1.34
N LEU A 11 -11.10 7.57 -0.60
CA LEU A 11 -10.16 8.67 -0.67
C LEU A 11 -8.93 8.31 0.16
N SER A 12 -9.13 7.44 1.15
CA SER A 12 -8.02 7.01 1.99
C SER A 12 -7.03 6.21 1.15
N ILE A 13 -7.54 5.27 0.35
CA ILE A 13 -6.66 4.49 -0.49
C ILE A 13 -6.11 5.34 -1.64
N GLN A 14 -6.90 6.31 -2.11
CA GLN A 14 -6.47 7.16 -3.19
C GLN A 14 -5.19 7.90 -2.81
N ARG A 15 -5.14 8.37 -1.57
CA ARG A 15 -3.98 9.07 -1.05
C ARG A 15 -2.84 8.09 -0.87
N ALA A 16 -3.17 6.90 -0.39
CA ALA A 16 -2.17 5.87 -0.22
C ALA A 16 -1.70 5.45 -1.59
N ILE A 17 -2.65 5.37 -2.51
CA ILE A 17 -2.38 5.03 -3.89
C ILE A 17 -1.52 6.11 -4.52
N GLN A 18 -1.92 7.36 -4.34
CA GLN A 18 -1.16 8.46 -4.90
C GLN A 18 0.30 8.32 -4.53
N SER A 19 0.58 7.84 -3.32
CA SER A 19 1.96 7.65 -2.90
C SER A 19 2.45 6.26 -3.30
N LEU A 20 1.59 5.25 -3.18
CA LEU A 20 2.02 3.91 -3.58
C LEU A 20 2.28 3.88 -5.08
N VAL A 21 1.32 4.36 -5.87
CA VAL A 21 1.49 4.37 -7.31
C VAL A 21 2.66 5.28 -7.68
N HIS A 22 2.73 6.48 -7.06
CA HIS A 22 3.83 7.39 -7.35
C HIS A 22 5.14 6.85 -6.83
N ALA A 23 5.16 6.42 -5.57
CA ALA A 23 6.37 5.87 -4.97
C ALA A 23 6.80 4.58 -5.64
N ALA A 24 5.84 3.85 -6.22
CA ALA A 24 6.15 2.60 -6.89
C ALA A 24 6.46 2.82 -8.36
N GLN A 25 6.34 4.06 -8.80
CA GLN A 25 6.62 4.44 -10.18
C GLN A 25 7.78 5.42 -10.23
N CYS A 26 7.86 6.26 -9.20
CA CYS A 26 8.94 7.21 -9.10
C CYS A 26 9.95 6.68 -8.11
N ARG A 27 10.79 5.78 -8.58
CA ARG A 27 11.81 5.16 -7.75
C ARG A 27 13.05 6.05 -7.74
N ASN A 28 12.82 7.33 -7.43
CA ASN A 28 13.91 8.30 -7.39
C ASN A 28 14.86 8.01 -6.23
N ALA A 29 14.25 7.67 -5.09
CA ALA A 29 14.98 7.38 -3.84
C ALA A 29 15.00 8.61 -2.94
N ASN A 30 15.31 9.76 -3.55
CA ASN A 30 15.37 11.02 -2.81
C ASN A 30 14.04 11.76 -2.94
N CYS A 31 12.99 11.05 -3.36
CA CYS A 31 11.67 11.65 -3.55
C CYS A 31 11.42 12.77 -2.53
N SER A 32 10.87 13.90 -3.00
CA SER A 32 10.61 15.04 -2.12
C SER A 32 9.23 14.98 -1.49
N LEU A 33 8.53 13.87 -1.66
CA LEU A 33 7.20 13.72 -1.06
C LEU A 33 7.33 12.86 0.19
N PRO A 34 7.27 13.45 1.37
CA PRO A 34 7.42 12.67 2.63
C PRO A 34 6.60 11.38 2.58
N SER A 35 5.48 11.43 1.89
CA SER A 35 4.62 10.26 1.76
C SER A 35 5.35 9.17 0.97
N CYS A 36 6.17 9.57 0.00
CA CYS A 36 6.90 8.59 -0.81
C CYS A 36 7.98 7.93 0.04
N GLN A 37 8.85 8.74 0.64
CA GLN A 37 9.94 8.22 1.45
C GLN A 37 9.44 7.24 2.48
N LYS A 38 8.28 7.55 3.04
CA LYS A 38 7.70 6.70 4.05
C LYS A 38 7.10 5.47 3.38
N MET A 39 6.61 5.64 2.14
CA MET A 39 6.04 4.52 1.42
C MET A 39 7.16 3.63 0.91
N LYS A 40 8.28 4.23 0.56
CA LYS A 40 9.39 3.43 0.13
C LYS A 40 9.84 2.62 1.31
N ARG A 41 9.86 3.27 2.45
CA ARG A 41 10.21 2.61 3.68
C ARG A 41 9.33 1.40 3.82
N VAL A 42 8.07 1.54 3.42
CA VAL A 42 7.09 0.45 3.47
C VAL A 42 7.36 -0.60 2.37
N VAL A 43 7.58 -0.12 1.14
CA VAL A 43 7.84 -1.01 0.02
C VAL A 43 9.24 -1.61 0.13
N GLN A 44 10.22 -0.73 0.32
CA GLN A 44 11.61 -1.14 0.46
C GLN A 44 11.74 -2.15 1.60
N HIS A 45 10.93 -1.99 2.66
CA HIS A 45 10.97 -2.94 3.79
C HIS A 45 10.12 -4.15 3.47
N THR A 46 9.06 -3.94 2.70
CA THR A 46 8.18 -5.04 2.37
C THR A 46 8.93 -6.15 1.66
N LYS A 47 9.71 -5.78 0.66
CA LYS A 47 10.45 -6.79 -0.08
C LYS A 47 11.58 -7.39 0.75
N GLY A 48 12.27 -6.56 1.52
CA GLY A 48 13.36 -7.05 2.34
C GLY A 48 12.96 -8.32 3.08
N CYS A 49 11.65 -8.54 3.20
CA CYS A 49 11.12 -9.73 3.88
C CYS A 49 10.42 -10.67 2.89
N LYS A 50 10.75 -11.96 2.97
CA LYS A 50 10.13 -12.97 2.11
C LYS A 50 8.83 -13.48 2.71
N ARG A 51 8.75 -13.50 4.05
CA ARG A 51 7.55 -13.97 4.72
C ARG A 51 6.46 -12.92 4.64
N LYS A 52 6.82 -11.69 4.96
CA LYS A 52 5.88 -10.59 4.90
C LYS A 52 5.45 -10.36 3.46
N THR A 53 6.39 -10.48 2.54
CA THR A 53 6.10 -10.24 1.14
C THR A 53 5.00 -11.19 0.65
N ASN A 54 4.74 -12.23 1.43
CA ASN A 54 3.71 -13.20 1.05
C ASN A 54 2.36 -12.84 1.67
N GLY A 55 2.28 -11.66 2.33
CA GLY A 55 1.02 -11.26 2.97
C GLY A 55 1.13 -11.44 4.47
N GLY A 56 2.27 -11.98 4.91
CA GLY A 56 2.49 -12.23 6.32
C GLY A 56 1.98 -11.09 7.18
N CYS A 57 2.47 -9.86 6.93
CA CYS A 57 2.05 -8.73 7.72
C CYS A 57 0.80 -8.07 7.14
N PRO A 58 0.06 -7.34 7.95
CA PRO A 58 -1.15 -6.61 7.47
C PRO A 58 -0.77 -5.62 6.36
N ILE A 59 0.47 -5.15 6.42
CA ILE A 59 0.97 -4.22 5.43
C ILE A 59 1.01 -4.91 4.08
N CYS A 60 1.56 -6.12 4.05
CA CYS A 60 1.64 -6.86 2.81
C CYS A 60 0.27 -7.40 2.45
N LYS A 61 -0.45 -7.91 3.43
CA LYS A 61 -1.77 -8.43 3.17
C LYS A 61 -2.67 -7.32 2.61
N GLN A 62 -2.63 -6.17 3.27
CA GLN A 62 -3.43 -5.03 2.84
C GLN A 62 -2.91 -4.47 1.52
N LEU A 63 -1.58 -4.37 1.39
CA LEU A 63 -0.98 -3.86 0.17
C LEU A 63 -1.29 -4.77 -1.02
N ILE A 64 -1.23 -6.08 -0.79
CA ILE A 64 -1.53 -7.03 -1.86
C ILE A 64 -2.97 -6.80 -2.34
N ALA A 65 -3.89 -6.59 -1.41
CA ALA A 65 -5.28 -6.36 -1.77
C ALA A 65 -5.43 -5.00 -2.45
N LEU A 66 -4.85 -3.97 -1.84
CA LEU A 66 -4.90 -2.63 -2.44
C LEU A 66 -4.28 -2.70 -3.82
N ALA A 67 -3.20 -3.46 -3.89
CA ALA A 67 -2.50 -3.68 -5.14
C ALA A 67 -3.41 -4.44 -6.09
N ALA A 68 -4.22 -5.33 -5.54
CA ALA A 68 -5.13 -6.13 -6.35
C ALA A 68 -6.13 -5.23 -7.06
N TYR A 69 -6.70 -4.28 -6.34
CA TYR A 69 -7.67 -3.37 -6.93
C TYR A 69 -7.02 -2.54 -8.03
N HIS A 70 -5.83 -2.00 -7.75
CA HIS A 70 -5.14 -1.18 -8.74
C HIS A 70 -4.60 -2.02 -9.91
N ALA A 71 -3.92 -3.11 -9.59
CA ALA A 71 -3.35 -3.97 -10.62
C ALA A 71 -4.44 -4.56 -11.51
N LYS A 72 -5.67 -4.60 -10.99
CA LYS A 72 -6.80 -5.12 -11.76
C LYS A 72 -7.32 -4.06 -12.73
N HIS A 73 -7.67 -2.89 -12.20
CA HIS A 73 -8.17 -1.83 -13.04
C HIS A 73 -7.18 -1.56 -14.17
N CYS A 74 -5.90 -1.60 -13.84
CA CYS A 74 -4.88 -1.41 -14.86
C CYS A 74 -4.75 -2.71 -15.64
N GLN A 75 -5.32 -2.73 -16.84
CA GLN A 75 -5.28 -3.94 -17.65
C GLN A 75 -3.93 -4.08 -18.32
N GLU A 76 -3.06 -3.14 -18.01
CA GLU A 76 -1.71 -3.11 -18.56
C GLU A 76 -0.69 -3.34 -17.47
N ASN A 77 0.36 -4.08 -17.79
CA ASN A 77 1.40 -4.35 -16.83
C ASN A 77 2.30 -3.14 -16.73
N LYS A 78 1.95 -2.22 -15.83
CA LYS A 78 2.74 -1.00 -15.66
C LYS A 78 4.22 -1.29 -15.84
N CYS A 79 4.77 -2.13 -14.95
CA CYS A 79 6.19 -2.58 -14.99
C CYS A 79 6.94 -2.34 -13.67
N PRO A 80 7.02 -1.13 -13.16
CA PRO A 80 7.76 -0.87 -11.89
C PRO A 80 7.06 -1.51 -10.69
N VAL A 81 5.73 -1.60 -10.74
CA VAL A 81 4.96 -2.18 -9.64
C VAL A 81 5.26 -3.68 -9.51
N PRO A 82 5.93 -4.14 -8.47
CA PRO A 82 6.27 -5.60 -8.30
C PRO A 82 5.05 -6.53 -8.38
N PHE A 83 4.04 -6.20 -7.59
CA PHE A 83 2.85 -7.04 -7.51
C PHE A 83 2.17 -7.20 -8.87
N CYS A 84 2.00 -6.10 -9.59
CA CYS A 84 1.35 -6.18 -10.90
C CYS A 84 2.04 -7.24 -11.75
N LEU A 85 3.36 -7.23 -11.75
CA LEU A 85 4.12 -8.20 -12.52
C LEU A 85 3.81 -9.61 -12.00
N ASN A 86 3.67 -9.72 -10.69
CA ASN A 86 3.40 -11.01 -10.06
C ASN A 86 1.99 -11.48 -10.34
N ILE A 87 1.07 -10.55 -10.55
CA ILE A 87 -0.33 -10.89 -10.82
C ILE A 87 -0.64 -10.91 -12.32
N LYS A 88 -0.26 -9.85 -13.03
CA LYS A 88 -0.53 -9.76 -14.47
C LYS A 88 0.40 -10.63 -15.32
N GLN A 89 1.71 -10.57 -15.07
CA GLN A 89 2.65 -11.37 -15.86
C GLN A 89 2.81 -12.76 -15.27
N LYS A 90 2.33 -12.94 -14.04
CA LYS A 90 2.41 -14.22 -13.34
C LYS A 90 2.61 -15.40 -14.29
N MET B 1 -23.38 -0.90 12.52
CA MET B 1 -24.45 -0.18 11.78
C MET B 1 -25.76 -0.97 11.89
N GLU B 2 -25.66 -2.29 11.78
CA GLU B 2 -26.84 -3.14 11.87
C GLU B 2 -27.46 -3.02 13.26
N GLU B 3 -26.60 -2.86 14.27
CA GLU B 3 -27.05 -2.70 15.65
C GLU B 3 -25.87 -2.86 16.62
N PRO B 4 -25.06 -3.88 16.44
CA PRO B 4 -23.88 -4.12 17.32
C PRO B 4 -22.93 -2.94 17.33
N GLN B 5 -22.83 -2.27 16.19
CA GLN B 5 -21.96 -1.10 15.98
C GLN B 5 -20.63 -1.53 15.39
N SER B 6 -20.62 -2.72 14.75
CA SER B 6 -19.40 -3.29 14.15
C SER B 6 -18.32 -2.24 13.94
N ASP B 7 -17.12 -2.53 14.46
CA ASP B 7 -15.98 -1.62 14.34
C ASP B 7 -15.07 -1.98 13.16
N PRO B 8 -14.93 -3.25 12.84
CA PRO B 8 -14.05 -3.69 11.72
C PRO B 8 -14.36 -2.98 10.40
N SER B 9 -15.65 -2.66 10.18
CA SER B 9 -16.05 -1.98 8.95
C SER B 9 -16.30 -0.50 9.18
N VAL B 10 -16.56 -0.16 10.43
CA VAL B 10 -16.82 1.23 10.81
C VAL B 10 -15.57 1.85 11.41
N GLU B 11 -14.69 2.37 10.54
CA GLU B 11 -13.44 2.97 10.98
C GLU B 11 -13.46 4.50 10.78
N PRO B 12 -13.82 5.26 11.79
CA PRO B 12 -13.88 6.75 11.69
C PRO B 12 -12.64 7.34 10.98
N PRO B 13 -12.77 7.78 9.74
CA PRO B 13 -11.62 8.36 9.00
C PRO B 13 -10.92 9.48 9.78
N LEU B 14 -9.62 9.31 10.01
CA LEU B 14 -8.84 10.30 10.75
C LEU B 14 -7.95 11.08 9.80
N SER B 15 -8.14 10.86 8.50
CA SER B 15 -7.35 11.52 7.45
C SER B 15 -6.08 10.71 7.17
N GLN B 16 -5.56 10.08 8.21
CA GLN B 16 -4.36 9.26 8.09
C GLN B 16 -4.76 7.80 8.24
N GLU B 17 -6.04 7.52 7.97
CA GLU B 17 -6.58 6.19 8.11
C GLU B 17 -5.60 5.14 7.59
N THR B 18 -5.63 4.89 6.28
CA THR B 18 -4.74 3.88 5.71
C THR B 18 -3.32 4.09 6.16
N PHE B 19 -2.78 5.29 5.95
CA PHE B 19 -1.41 5.59 6.36
C PHE B 19 -1.10 4.90 7.68
N SER B 20 -1.95 5.18 8.68
CA SER B 20 -1.79 4.60 10.01
C SER B 20 -1.22 3.20 9.93
N ASP B 21 -1.94 2.34 9.26
CA ASP B 21 -1.53 0.95 9.10
C ASP B 21 -0.21 0.82 8.32
N LEU B 22 -0.10 1.54 7.22
CA LEU B 22 1.08 1.42 6.37
C LEU B 22 2.37 1.34 7.17
N TRP B 23 2.78 2.42 7.84
CA TRP B 23 4.08 2.40 8.56
C TRP B 23 3.98 1.95 10.03
N LYS B 24 2.79 1.94 10.64
CA LYS B 24 2.69 1.53 12.06
C LYS B 24 2.38 0.04 12.26
N LEU B 25 1.84 -0.64 11.25
CA LEU B 25 1.52 -2.07 11.41
C LEU B 25 2.62 -2.96 10.80
N LEU B 26 3.85 -2.46 10.76
CA LEU B 26 4.95 -3.24 10.22
C LEU B 26 5.41 -4.27 11.25
N PRO B 27 6.05 -5.34 10.84
CA PRO B 27 6.51 -6.36 11.81
C PRO B 27 7.29 -5.74 12.96
N GLU B 28 8.27 -4.90 12.58
CA GLU B 28 9.13 -4.17 13.52
C GLU B 28 10.49 -3.88 12.87
N ASN B 29 10.92 -4.78 11.99
CA ASN B 29 12.20 -4.59 11.30
C ASN B 29 12.01 -3.90 9.97
N ASN B 30 12.35 -2.61 9.93
CA ASN B 30 12.24 -1.84 8.69
C ASN B 30 13.55 -1.98 7.91
N VAL B 31 13.46 -2.60 6.73
CA VAL B 31 14.66 -2.84 5.90
C VAL B 31 14.65 -1.93 4.67
N LEU B 32 15.75 -1.22 4.44
CA LEU B 32 15.87 -0.31 3.32
C LEU B 32 16.64 -0.97 2.19
N SER B 33 17.56 -1.87 2.56
CA SER B 33 18.40 -2.60 1.61
C SER B 33 17.77 -2.66 0.22
N PRO B 34 18.01 -1.66 -0.60
CA PRO B 34 17.43 -1.63 -1.99
C PRO B 34 17.90 -2.82 -2.81
N LEU B 35 17.03 -3.26 -3.72
CA LEU B 35 17.34 -4.40 -4.59
C LEU B 35 17.53 -3.93 -6.03
N PRO B 36 18.72 -3.59 -6.44
CA PRO B 36 18.98 -3.12 -7.83
C PRO B 36 18.42 -4.11 -8.85
N SER B 37 17.75 -3.56 -9.87
CA SER B 37 17.11 -4.37 -10.92
C SER B 37 17.78 -5.71 -11.11
N GLN B 38 19.09 -5.68 -10.98
CA GLN B 38 19.91 -6.87 -11.11
C GLN B 38 20.30 -7.37 -9.72
N ALA B 39 20.10 -8.67 -9.49
CA ALA B 39 20.44 -9.27 -8.20
C ALA B 39 21.76 -10.03 -8.29
N ALA A 1 -26.57 13.53 -0.43
CA ALA A 1 -25.12 13.40 -0.13
C ALA A 1 -24.82 11.95 0.24
N THR A 2 -24.59 11.12 -0.77
CA THR A 2 -24.28 9.71 -0.54
C THR A 2 -22.97 9.55 0.20
N GLN A 3 -22.01 10.42 -0.12
CA GLN A 3 -20.68 10.39 0.50
C GLN A 3 -20.73 9.80 1.90
N SER A 4 -19.77 8.93 2.21
CA SER A 4 -19.73 8.28 3.51
C SER A 4 -18.33 7.69 3.74
N PRO A 5 -18.10 7.03 4.84
CA PRO A 5 -16.78 6.42 5.11
C PRO A 5 -16.40 5.52 3.96
N GLY A 6 -17.42 4.92 3.37
CA GLY A 6 -17.21 4.07 2.23
C GLY A 6 -16.54 4.87 1.13
N ASP A 7 -16.90 6.15 1.07
CA ASP A 7 -16.33 7.05 0.08
C ASP A 7 -14.98 7.56 0.60
N SER A 8 -14.87 7.62 1.92
CA SER A 8 -13.63 8.04 2.56
C SER A 8 -12.59 6.94 2.42
N ARG A 9 -13.08 5.70 2.45
CA ARG A 9 -12.23 4.55 2.29
C ARG A 9 -11.73 4.49 0.86
N ARG A 10 -12.61 4.88 -0.05
CA ARG A 10 -12.26 4.92 -1.46
C ARG A 10 -11.29 6.08 -1.70
N LEU A 11 -11.50 7.15 -0.97
CA LEU A 11 -10.63 8.31 -1.07
C LEU A 11 -9.34 8.03 -0.31
N SER A 12 -9.43 7.14 0.68
CA SER A 12 -8.26 6.78 1.46
C SER A 12 -7.27 6.03 0.59
N ILE A 13 -7.76 5.05 -0.18
CA ILE A 13 -6.86 4.29 -1.05
C ILE A 13 -6.36 5.15 -2.21
N GLN A 14 -7.18 6.10 -2.68
CA GLN A 14 -6.78 6.96 -3.78
C GLN A 14 -5.54 7.77 -3.38
N ARG A 15 -5.52 8.23 -2.14
CA ARG A 15 -4.39 8.99 -1.63
C ARG A 15 -3.22 8.06 -1.40
N ALA A 16 -3.53 6.86 -0.91
CA ALA A 16 -2.50 5.86 -0.69
C ALA A 16 -1.98 5.42 -2.03
N ILE A 17 -2.91 5.30 -2.98
CA ILE A 17 -2.58 4.92 -4.34
C ILE A 17 -1.71 6.00 -4.95
N GLN A 18 -2.13 7.25 -4.82
CA GLN A 18 -1.36 8.35 -5.37
C GLN A 18 0.09 8.25 -4.91
N SER A 19 0.31 7.80 -3.67
CA SER A 19 1.67 7.65 -3.16
C SER A 19 2.21 6.27 -3.51
N LEU A 20 1.38 5.24 -3.40
CA LEU A 20 1.86 3.91 -3.75
C LEU A 20 2.22 3.87 -5.23
N VAL A 21 1.30 4.32 -6.07
CA VAL A 21 1.55 4.31 -7.51
C VAL A 21 2.76 5.21 -7.80
N HIS A 22 2.78 6.40 -7.20
CA HIS A 22 3.90 7.32 -7.43
C HIS A 22 5.18 6.77 -6.81
N ALA A 23 5.10 6.35 -5.56
CA ALA A 23 6.27 5.81 -4.87
C ALA A 23 6.76 4.52 -5.52
N ALA A 24 5.85 3.79 -6.16
CA ALA A 24 6.22 2.54 -6.81
C ALA A 24 6.62 2.77 -8.26
N GLN A 25 6.54 4.02 -8.69
CA GLN A 25 6.89 4.41 -10.05
C GLN A 25 8.05 5.39 -10.01
N CYS A 26 8.09 6.21 -8.97
CA CYS A 26 9.17 7.18 -8.81
C CYS A 26 10.15 6.65 -7.77
N ARG A 27 11.04 5.77 -8.22
CA ARG A 27 12.04 5.19 -7.33
C ARG A 27 13.23 6.14 -7.22
N ASN A 28 12.94 7.41 -7.02
CA ASN A 28 14.00 8.40 -6.90
C ASN A 28 14.86 8.10 -5.68
N ALA A 29 14.20 7.75 -4.58
CA ALA A 29 14.87 7.44 -3.31
C ALA A 29 14.87 8.67 -2.41
N ASN A 30 15.20 9.81 -2.99
CA ASN A 30 15.24 11.07 -2.23
C ASN A 30 13.93 11.83 -2.38
N CYS A 31 12.90 11.15 -2.89
CA CYS A 31 11.59 11.77 -3.10
C CYS A 31 11.31 12.85 -2.04
N SER A 32 10.73 13.96 -2.48
CA SER A 32 10.44 15.07 -1.57
C SER A 32 9.02 15.01 -1.03
N LEU A 33 8.31 13.91 -1.30
CA LEU A 33 6.95 13.75 -0.81
C LEU A 33 6.97 12.84 0.41
N PRO A 34 6.85 13.37 1.61
CA PRO A 34 6.90 12.54 2.83
C PRO A 34 6.07 11.26 2.68
N SER A 35 5.01 11.35 1.89
CA SER A 35 4.16 10.20 1.64
C SER A 35 4.91 9.14 0.87
N CYS A 36 5.81 9.56 -0.02
CA CYS A 36 6.59 8.60 -0.80
C CYS A 36 7.62 7.90 0.10
N GLN A 37 8.45 8.69 0.75
CA GLN A 37 9.49 8.14 1.61
C GLN A 37 8.92 7.13 2.58
N LYS A 38 7.72 7.41 3.05
CA LYS A 38 7.08 6.52 3.99
C LYS A 38 6.53 5.31 3.24
N MET A 39 6.14 5.51 1.98
CA MET A 39 5.63 4.41 1.18
C MET A 39 6.79 3.54 0.74
N LYS A 40 7.92 4.16 0.50
CA LYS A 40 9.07 3.39 0.12
C LYS A 40 9.44 2.55 1.31
N ARG A 41 9.38 3.16 2.47
CA ARG A 41 9.65 2.47 3.70
C ARG A 41 8.79 1.23 3.76
N VAL A 42 7.56 1.37 3.26
CA VAL A 42 6.59 0.28 3.22
C VAL A 42 6.93 -0.73 2.12
N VAL A 43 7.22 -0.22 0.92
CA VAL A 43 7.56 -1.08 -0.21
C VAL A 43 8.96 -1.65 -0.03
N GLN A 44 9.92 -0.76 0.21
CA GLN A 44 11.28 -1.17 0.43
C GLN A 44 11.33 -2.20 1.56
N HIS A 45 10.46 -2.04 2.56
CA HIS A 45 10.40 -3.00 3.66
C HIS A 45 9.69 -4.27 3.19
N THR A 46 8.63 -4.09 2.40
CA THR A 46 7.87 -5.24 1.94
C THR A 46 8.77 -6.30 1.36
N LYS A 47 9.74 -5.90 0.58
CA LYS A 47 10.63 -6.88 -0.03
C LYS A 47 11.63 -7.43 0.98
N GLY A 48 12.22 -6.55 1.78
CA GLY A 48 13.21 -6.96 2.76
C GLY A 48 12.74 -8.19 3.51
N CYS A 49 11.43 -8.41 3.50
CA CYS A 49 10.85 -9.57 4.18
C CYS A 49 10.24 -10.54 3.17
N LYS A 50 10.61 -11.81 3.25
CA LYS A 50 10.09 -12.83 2.33
C LYS A 50 8.78 -13.41 2.84
N ARG A 51 8.63 -13.47 4.15
CA ARG A 51 7.41 -13.97 4.75
C ARG A 51 6.28 -12.98 4.54
N LYS A 52 6.61 -11.70 4.72
CA LYS A 52 5.64 -10.63 4.56
C LYS A 52 5.26 -10.47 3.10
N THR A 53 6.25 -10.64 2.23
CA THR A 53 6.00 -10.48 0.81
C THR A 53 4.92 -11.46 0.37
N ASN A 54 4.94 -12.64 0.97
CA ASN A 54 3.95 -13.65 0.62
C ASN A 54 2.57 -13.19 1.04
N GLY A 55 2.50 -12.03 1.71
CA GLY A 55 1.22 -11.49 2.18
C GLY A 55 1.10 -11.69 3.69
N GLY A 56 2.10 -12.32 4.28
CA GLY A 56 2.09 -12.59 5.71
C GLY A 56 1.67 -11.37 6.52
N CYS A 57 2.13 -10.19 6.11
CA CYS A 57 1.83 -8.96 6.82
C CYS A 57 0.54 -8.31 6.34
N PRO A 58 -0.29 -7.83 7.23
CA PRO A 58 -1.52 -7.10 6.81
C PRO A 58 -1.17 -6.00 5.81
N ILE A 59 0.07 -5.49 5.93
CA ILE A 59 0.53 -4.45 5.01
C ILE A 59 0.69 -5.04 3.63
N CYS A 60 1.29 -6.23 3.54
CA CYS A 60 1.47 -6.87 2.25
C CYS A 60 0.16 -7.46 1.79
N LYS A 61 -0.56 -8.08 2.71
CA LYS A 61 -1.85 -8.66 2.36
C LYS A 61 -2.76 -7.56 1.82
N GLN A 62 -2.81 -6.44 2.55
CA GLN A 62 -3.64 -5.31 2.14
C GLN A 62 -3.08 -4.66 0.87
N LEU A 63 -1.75 -4.52 0.82
CA LEU A 63 -1.10 -3.91 -0.35
C LEU A 63 -1.34 -4.75 -1.60
N ILE A 64 -1.19 -6.06 -1.46
CA ILE A 64 -1.42 -6.96 -2.58
C ILE A 64 -2.87 -6.81 -3.06
N ALA A 65 -3.78 -6.63 -2.12
CA ALA A 65 -5.18 -6.46 -2.44
C ALA A 65 -5.39 -5.09 -3.09
N LEU A 66 -4.83 -4.06 -2.47
CA LEU A 66 -4.95 -2.72 -3.01
C LEU A 66 -4.35 -2.74 -4.41
N ALA A 67 -3.25 -3.46 -4.53
CA ALA A 67 -2.58 -3.62 -5.80
C ALA A 67 -3.49 -4.37 -6.77
N ALA A 68 -4.27 -5.31 -6.23
CA ALA A 68 -5.18 -6.09 -7.06
C ALA A 68 -6.11 -5.15 -7.81
N TYR A 69 -6.68 -4.19 -7.10
CA TYR A 69 -7.58 -3.22 -7.73
C TYR A 69 -6.83 -2.41 -8.80
N HIS A 70 -5.62 -1.98 -8.47
CA HIS A 70 -4.81 -1.19 -9.42
C HIS A 70 -4.35 -2.05 -10.60
N ALA A 71 -3.81 -3.23 -10.31
CA ALA A 71 -3.33 -4.12 -11.36
C ALA A 71 -4.47 -4.57 -12.26
N LYS A 72 -5.70 -4.44 -11.77
CA LYS A 72 -6.87 -4.81 -12.56
C LYS A 72 -7.26 -3.67 -13.49
N HIS A 73 -7.59 -2.52 -12.92
CA HIS A 73 -7.96 -1.37 -13.73
C HIS A 73 -6.88 -1.07 -14.75
N CYS A 74 -5.63 -1.23 -14.35
CA CYS A 74 -4.52 -1.01 -15.27
C CYS A 74 -4.41 -2.23 -16.17
N GLN A 75 -4.88 -2.10 -17.41
CA GLN A 75 -4.85 -3.22 -18.33
C GLN A 75 -3.46 -3.39 -18.91
N GLU A 76 -2.56 -2.52 -18.49
CA GLU A 76 -1.17 -2.55 -18.94
C GLU A 76 -0.24 -2.85 -17.79
N ASN A 77 0.77 -3.66 -18.05
CA ASN A 77 1.72 -4.01 -17.02
C ASN A 77 2.70 -2.87 -16.86
N LYS A 78 2.38 -1.93 -15.98
CA LYS A 78 3.23 -0.77 -15.75
C LYS A 78 4.69 -1.15 -15.89
N CYS A 79 5.18 -2.03 -14.98
CA CYS A 79 6.56 -2.55 -15.00
C CYS A 79 7.27 -2.37 -13.64
N PRO A 80 7.39 -1.17 -13.11
CA PRO A 80 8.08 -0.96 -11.80
C PRO A 80 7.34 -1.65 -10.65
N VAL A 81 6.00 -1.62 -10.69
CA VAL A 81 5.19 -2.23 -9.65
C VAL A 81 5.47 -3.75 -9.59
N PRO A 82 6.13 -4.25 -8.57
CA PRO A 82 6.46 -5.72 -8.47
C PRO A 82 5.24 -6.63 -8.58
N PHE A 83 4.24 -6.36 -7.75
CA PHE A 83 3.03 -7.18 -7.70
C PHE A 83 2.33 -7.26 -9.07
N CYS A 84 2.20 -6.12 -9.74
CA CYS A 84 1.54 -6.12 -11.04
C CYS A 84 2.17 -7.17 -11.94
N LEU A 85 3.49 -7.19 -11.97
CA LEU A 85 4.19 -8.16 -12.80
C LEU A 85 3.84 -9.58 -12.34
N ASN A 86 3.69 -9.75 -11.05
CA ASN A 86 3.37 -11.05 -10.49
C ASN A 86 1.95 -11.48 -10.83
N ILE A 87 1.05 -10.50 -10.97
CA ILE A 87 -0.35 -10.79 -11.30
C ILE A 87 -0.64 -10.68 -12.79
N LYS A 88 -0.21 -9.58 -13.40
CA LYS A 88 -0.47 -9.38 -14.84
C LYS A 88 0.37 -10.32 -15.72
N GLN A 89 1.66 -10.42 -15.45
CA GLN A 89 2.51 -11.29 -16.28
C GLN A 89 2.50 -12.71 -15.76
N LYS A 90 2.05 -12.88 -14.51
CA LYS A 90 1.97 -14.21 -13.87
C LYS A 90 1.98 -15.34 -14.89
N MET B 1 -24.01 -2.97 16.79
CA MET B 1 -24.40 -4.23 17.49
C MET B 1 -24.84 -3.90 18.91
N GLU B 2 -23.88 -3.59 19.77
CA GLU B 2 -24.19 -3.24 21.16
C GLU B 2 -25.03 -1.97 21.21
N GLU B 3 -24.89 -1.14 20.18
CA GLU B 3 -25.65 0.12 20.08
C GLU B 3 -24.92 1.07 19.12
N PRO B 4 -23.61 1.15 19.19
CA PRO B 4 -22.83 2.06 18.29
C PRO B 4 -23.08 1.76 16.83
N GLN B 5 -23.37 0.48 16.55
CA GLN B 5 -23.62 -0.03 15.20
C GLN B 5 -22.33 -0.51 14.58
N SER B 6 -22.41 -1.61 13.82
CA SER B 6 -21.24 -2.22 13.15
C SER B 6 -20.05 -1.25 13.08
N ASP B 7 -19.00 -1.57 13.83
CA ASP B 7 -17.79 -0.74 13.87
C ASP B 7 -16.71 -1.27 12.91
N PRO B 8 -16.63 -2.57 12.69
CA PRO B 8 -15.60 -3.17 11.79
C PRO B 8 -15.59 -2.51 10.40
N SER B 9 -16.76 -2.08 9.92
CA SER B 9 -16.86 -1.45 8.60
C SER B 9 -17.01 0.06 8.72
N VAL B 10 -17.48 0.50 9.87
CA VAL B 10 -17.67 1.92 10.14
C VAL B 10 -16.50 2.46 10.94
N GLU B 11 -15.40 2.76 10.26
CA GLU B 11 -14.21 3.26 10.94
C GLU B 11 -14.04 4.77 10.69
N PRO B 12 -14.33 5.60 11.68
CA PRO B 12 -14.20 7.09 11.53
C PRO B 12 -12.91 7.50 10.80
N PRO B 13 -12.98 7.88 9.54
CA PRO B 13 -11.78 8.29 8.76
C PRO B 13 -11.01 9.41 9.46
N LEU B 14 -9.72 9.19 9.69
CA LEU B 14 -8.86 10.18 10.34
C LEU B 14 -7.93 10.83 9.32
N SER B 15 -8.20 10.59 8.04
CA SER B 15 -7.38 11.12 6.95
C SER B 15 -6.21 10.18 6.67
N GLN B 16 -5.78 9.48 7.71
CA GLN B 16 -4.68 8.52 7.60
C GLN B 16 -5.23 7.11 7.79
N GLU B 17 -6.53 6.96 7.51
CA GLU B 17 -7.19 5.68 7.66
C GLU B 17 -6.31 4.53 7.17
N THR B 18 -5.88 4.61 5.90
CA THR B 18 -5.02 3.58 5.35
C THR B 18 -3.59 3.78 5.77
N PHE B 19 -3.04 4.96 5.48
CA PHE B 19 -1.67 5.27 5.85
C PHE B 19 -1.32 4.63 7.17
N SER B 20 -2.14 4.94 8.18
CA SER B 20 -1.94 4.42 9.53
C SER B 20 -1.35 3.03 9.50
N ASP B 21 -2.08 2.10 8.91
CA ASP B 21 -1.63 0.72 8.83
C ASP B 21 -0.37 0.56 7.99
N LEU B 22 -0.32 1.19 6.83
CA LEU B 22 0.82 1.03 5.93
C LEU B 22 2.16 1.00 6.66
N TRP B 23 2.56 2.13 7.24
CA TRP B 23 3.88 2.20 7.89
C TRP B 23 3.86 1.86 9.38
N LYS B 24 2.70 1.83 10.04
CA LYS B 24 2.68 1.53 11.48
C LYS B 24 2.51 0.04 11.77
N LEU B 25 2.20 -0.78 10.75
CA LEU B 25 2.04 -2.23 10.99
C LEU B 25 3.32 -3.00 10.67
N LEU B 26 4.33 -2.32 10.15
CA LEU B 26 5.60 -2.95 9.81
C LEU B 26 5.93 -4.09 10.80
N PRO B 27 5.97 -5.33 10.39
CA PRO B 27 6.30 -6.43 11.32
C PRO B 27 7.64 -6.15 11.99
N GLU B 28 8.65 -5.95 11.16
CA GLU B 28 10.00 -5.68 11.64
C GLU B 28 10.51 -4.34 11.13
N ASN B 29 11.12 -3.56 12.06
CA ASN B 29 11.72 -2.27 11.75
C ASN B 29 12.07 -2.19 10.27
N ASN B 30 11.15 -1.62 9.50
CA ASN B 30 11.27 -1.51 8.05
C ASN B 30 12.71 -1.70 7.59
N VAL B 31 12.88 -2.60 6.65
CA VAL B 31 14.20 -2.92 6.12
C VAL B 31 14.39 -2.26 4.76
N LEU B 32 15.43 -1.42 4.65
CA LEU B 32 15.71 -0.72 3.40
C LEU B 32 16.73 -1.50 2.57
N SER B 33 17.21 -2.61 3.15
CA SER B 33 18.20 -3.47 2.48
C SER B 33 18.19 -3.28 0.96
N PRO B 34 18.92 -2.32 0.46
CA PRO B 34 18.95 -2.04 -1.01
C PRO B 34 19.46 -3.24 -1.78
N LEU B 35 18.97 -3.39 -3.02
CA LEU B 35 19.36 -4.50 -3.88
C LEU B 35 20.18 -3.99 -5.07
N PRO B 36 21.46 -3.79 -4.90
CA PRO B 36 22.33 -3.30 -6.01
C PRO B 36 22.16 -4.16 -7.25
N SER B 37 22.07 -3.50 -8.41
CA SER B 37 21.87 -4.18 -9.70
C SER B 37 22.46 -5.58 -9.71
N GLN B 38 23.49 -5.75 -8.92
CA GLN B 38 24.18 -7.03 -8.78
C GLN B 38 23.65 -7.76 -7.55
N ALA B 39 23.11 -8.96 -7.76
CA ALA B 39 22.57 -9.75 -6.66
C ALA B 39 23.55 -10.88 -6.28
N ALA A 1 -23.28 13.87 -2.12
CA ALA A 1 -24.45 12.97 -2.36
C ALA A 1 -24.18 11.62 -1.71
N THR A 2 -23.73 10.66 -2.50
CA THR A 2 -23.45 9.32 -2.01
C THR A 2 -22.26 9.34 -1.04
N GLN A 3 -21.35 10.29 -1.25
CA GLN A 3 -20.15 10.42 -0.42
C GLN A 3 -20.39 9.89 0.99
N SER A 4 -19.43 9.11 1.48
CA SER A 4 -19.55 8.52 2.81
C SER A 4 -18.20 7.94 3.23
N PRO A 5 -18.11 7.31 4.37
CA PRO A 5 -16.84 6.70 4.83
C PRO A 5 -16.34 5.76 3.77
N GLY A 6 -17.29 5.13 3.09
CA GLY A 6 -16.98 4.24 2.01
C GLY A 6 -16.17 4.99 0.97
N ASP A 7 -16.47 6.28 0.83
CA ASP A 7 -15.75 7.14 -0.10
C ASP A 7 -14.46 7.61 0.57
N SER A 8 -14.49 7.67 1.90
CA SER A 8 -13.31 8.07 2.66
C SER A 8 -12.30 6.93 2.62
N ARG A 9 -12.82 5.71 2.59
CA ARG A 9 -11.98 4.53 2.51
C ARG A 9 -11.36 4.46 1.13
N ARG A 10 -12.15 4.87 0.14
CA ARG A 10 -11.68 4.88 -1.24
C ARG A 10 -10.68 6.03 -1.43
N LEU A 11 -10.93 7.11 -0.71
CA LEU A 11 -10.04 8.26 -0.75
C LEU A 11 -8.82 7.99 0.11
N SER A 12 -9.00 7.13 1.12
CA SER A 12 -7.90 6.78 1.99
C SER A 12 -6.84 6.04 1.19
N ILE A 13 -7.28 5.05 0.41
CA ILE A 13 -6.35 4.29 -0.40
C ILE A 13 -5.84 5.14 -1.57
N GLN A 14 -6.66 6.10 -2.02
CA GLN A 14 -6.26 6.95 -3.13
C GLN A 14 -5.01 7.73 -2.76
N ARG A 15 -4.97 8.19 -1.52
CA ARG A 15 -3.82 8.92 -1.00
C ARG A 15 -2.66 7.97 -0.80
N ALA A 16 -2.97 6.76 -0.33
CA ALA A 16 -1.95 5.74 -0.15
C ALA A 16 -1.47 5.32 -1.52
N ILE A 17 -2.42 5.21 -2.44
CA ILE A 17 -2.13 4.86 -3.82
C ILE A 17 -1.29 5.96 -4.45
N GLN A 18 -1.74 7.20 -4.31
CA GLN A 18 -1.00 8.31 -4.88
C GLN A 18 0.47 8.21 -4.49
N SER A 19 0.74 7.75 -3.27
CA SER A 19 2.13 7.59 -2.83
C SER A 19 2.65 6.22 -3.22
N LEU A 20 1.82 5.18 -3.09
CA LEU A 20 2.27 3.85 -3.47
C LEU A 20 2.55 3.81 -4.97
N VAL A 21 1.57 4.25 -5.77
CA VAL A 21 1.74 4.26 -7.21
C VAL A 21 2.93 5.17 -7.57
N HIS A 22 2.99 6.36 -6.97
CA HIS A 22 4.10 7.28 -7.25
C HIS A 22 5.41 6.72 -6.71
N ALA A 23 5.41 6.31 -5.45
CA ALA A 23 6.62 5.76 -4.83
C ALA A 23 7.05 4.46 -5.52
N ALA A 24 6.09 3.74 -6.11
CA ALA A 24 6.39 2.49 -6.78
C ALA A 24 6.70 2.72 -8.26
N GLN A 25 6.60 3.97 -8.68
CA GLN A 25 6.88 4.36 -10.06
C GLN A 25 8.04 5.35 -10.10
N CYS A 26 8.13 6.17 -9.06
CA CYS A 26 9.22 7.14 -8.97
C CYS A 26 10.28 6.62 -8.00
N ARG A 27 11.14 5.75 -8.51
CA ARG A 27 12.20 5.16 -7.72
C ARG A 27 13.38 6.13 -7.66
N ASN A 28 13.09 7.38 -7.34
CA ASN A 28 14.12 8.40 -7.26
C ASN A 28 15.04 8.10 -6.09
N ALA A 29 14.45 7.73 -4.96
CA ALA A 29 15.16 7.42 -3.72
C ALA A 29 15.17 8.64 -2.80
N ASN A 30 15.48 9.79 -3.37
CA ASN A 30 15.52 11.04 -2.61
C ASN A 30 14.20 11.79 -2.76
N CYS A 31 13.16 11.07 -3.19
CA CYS A 31 11.84 11.66 -3.41
C CYS A 31 11.56 12.80 -2.42
N SER A 32 10.99 13.90 -2.90
CA SER A 32 10.70 15.05 -2.06
C SER A 32 9.32 14.99 -1.45
N LEU A 33 8.64 13.86 -1.62
CA LEU A 33 7.31 13.68 -1.04
C LEU A 33 7.44 12.83 0.22
N PRO A 34 7.39 13.41 1.40
CA PRO A 34 7.55 12.63 2.66
C PRO A 34 6.74 11.34 2.63
N SER A 35 5.62 11.38 1.91
CA SER A 35 4.77 10.21 1.78
C SER A 35 5.49 9.12 0.99
N CYS A 36 6.30 9.53 0.02
CA CYS A 36 7.03 8.55 -0.78
C CYS A 36 8.13 7.90 0.04
N GLN A 37 9.01 8.72 0.61
CA GLN A 37 10.11 8.21 1.42
C GLN A 37 9.63 7.23 2.46
N LYS A 38 8.46 7.53 3.02
CA LYS A 38 7.90 6.67 4.04
C LYS A 38 7.28 5.44 3.37
N MET A 39 6.80 5.60 2.14
CA MET A 39 6.22 4.47 1.42
C MET A 39 7.34 3.59 0.91
N LYS A 40 8.46 4.20 0.55
CA LYS A 40 9.59 3.41 0.11
C LYS A 40 10.06 2.61 1.29
N ARG A 41 10.07 3.26 2.42
CA ARG A 41 10.43 2.61 3.66
C ARG A 41 9.56 1.37 3.83
N VAL A 42 8.30 1.51 3.41
CA VAL A 42 7.33 0.42 3.47
C VAL A 42 7.59 -0.61 2.38
N VAL A 43 7.78 -0.15 1.15
CA VAL A 43 8.05 -1.05 0.03
C VAL A 43 9.46 -1.61 0.15
N GLN A 44 10.43 -0.72 0.29
CA GLN A 44 11.82 -1.13 0.44
C GLN A 44 11.94 -2.15 1.57
N HIS A 45 11.12 -1.99 2.61
CA HIS A 45 11.15 -2.94 3.72
C HIS A 45 10.31 -4.16 3.38
N THR A 46 9.25 -3.96 2.60
CA THR A 46 8.37 -5.07 2.26
C THR A 46 9.15 -6.19 1.59
N LYS A 47 9.99 -5.83 0.64
CA LYS A 47 10.76 -6.85 -0.05
C LYS A 47 11.93 -7.33 0.82
N GLY A 48 12.54 -6.41 1.55
CA GLY A 48 13.65 -6.78 2.42
C GLY A 48 13.32 -8.02 3.25
N CYS A 49 12.02 -8.29 3.38
CA CYS A 49 11.55 -9.45 4.14
C CYS A 49 10.91 -10.49 3.23
N LYS A 50 11.29 -11.76 3.39
CA LYS A 50 10.73 -12.84 2.59
C LYS A 50 9.45 -13.37 3.22
N ARG A 51 9.38 -13.33 4.54
CA ARG A 51 8.19 -13.80 5.25
C ARG A 51 7.06 -12.79 5.09
N LYS A 52 7.38 -11.52 5.28
CA LYS A 52 6.39 -10.46 5.16
C LYS A 52 5.99 -10.28 3.70
N THR A 53 6.92 -10.52 2.79
CA THR A 53 6.61 -10.38 1.37
C THR A 53 5.54 -11.37 0.94
N ASN A 54 5.40 -12.44 1.72
CA ASN A 54 4.40 -13.46 1.40
C ASN A 54 3.03 -13.03 1.95
N GLY A 55 2.97 -11.85 2.56
CA GLY A 55 1.73 -11.36 3.14
C GLY A 55 1.77 -11.47 4.66
N GLY A 56 2.86 -12.02 5.17
CA GLY A 56 3.03 -12.22 6.61
C GLY A 56 2.55 -10.98 7.38
N CYS A 57 3.01 -9.81 6.96
CA CYS A 57 2.65 -8.57 7.63
C CYS A 57 1.34 -7.99 7.12
N PRO A 58 0.48 -7.52 7.99
CA PRO A 58 -0.77 -6.86 7.55
C PRO A 58 -0.46 -5.81 6.48
N ILE A 59 0.76 -5.28 6.54
CA ILE A 59 1.21 -4.31 5.57
C ILE A 59 1.32 -4.97 4.20
N CYS A 60 1.92 -6.15 4.15
CA CYS A 60 2.05 -6.84 2.89
C CYS A 60 0.72 -7.45 2.50
N LYS A 61 0.03 -8.02 3.47
CA LYS A 61 -1.27 -8.60 3.18
C LYS A 61 -2.21 -7.52 2.66
N GLN A 62 -2.25 -6.40 3.36
CA GLN A 62 -3.10 -5.28 2.96
C GLN A 62 -2.61 -4.66 1.66
N LEU A 63 -1.29 -4.52 1.53
CA LEU A 63 -0.71 -3.92 0.32
C LEU A 63 -0.98 -4.81 -0.88
N ILE A 64 -0.83 -6.11 -0.70
CA ILE A 64 -1.09 -7.05 -1.79
C ILE A 64 -2.53 -6.88 -2.26
N ALA A 65 -3.43 -6.70 -1.32
CA ALA A 65 -4.84 -6.49 -1.64
C ALA A 65 -5.02 -5.14 -2.32
N LEU A 66 -4.46 -4.10 -1.72
CA LEU A 66 -4.54 -2.77 -2.31
C LEU A 66 -3.97 -2.84 -3.71
N ALA A 67 -2.90 -3.61 -3.84
CA ALA A 67 -2.25 -3.83 -5.12
C ALA A 67 -3.18 -4.62 -6.02
N ALA A 68 -3.98 -5.51 -5.43
CA ALA A 68 -4.91 -6.31 -6.21
C ALA A 68 -5.91 -5.42 -6.92
N TYR A 69 -6.50 -4.48 -6.18
CA TYR A 69 -7.47 -3.56 -6.76
C TYR A 69 -6.84 -2.72 -7.86
N HIS A 70 -5.63 -2.19 -7.60
CA HIS A 70 -4.94 -1.36 -8.58
C HIS A 70 -4.45 -2.19 -9.76
N ALA A 71 -3.78 -3.31 -9.46
CA ALA A 71 -3.26 -4.18 -10.52
C ALA A 71 -4.39 -4.72 -11.38
N LYS A 72 -5.60 -4.68 -10.85
CA LYS A 72 -6.77 -5.16 -11.59
C LYS A 72 -7.25 -4.07 -12.55
N HIS A 73 -7.58 -2.90 -12.01
CA HIS A 73 -8.04 -1.81 -12.85
C HIS A 73 -7.02 -1.53 -13.94
N CYS A 74 -5.74 -1.61 -13.60
CA CYS A 74 -4.69 -1.41 -14.59
C CYS A 74 -4.60 -2.68 -15.42
N GLN A 75 -5.13 -2.62 -16.64
CA GLN A 75 -5.12 -3.79 -17.51
C GLN A 75 -3.76 -3.93 -18.19
N GLU A 76 -2.84 -3.08 -17.78
CA GLU A 76 -1.48 -3.09 -18.33
C GLU A 76 -0.46 -3.37 -17.25
N ASN A 77 0.60 -4.06 -17.64
CA ASN A 77 1.66 -4.39 -16.71
C ASN A 77 2.58 -3.18 -16.59
N LYS A 78 2.20 -2.23 -15.71
CA LYS A 78 2.99 -1.02 -15.51
C LYS A 78 4.47 -1.30 -15.71
N CYS A 79 5.04 -2.17 -14.86
CA CYS A 79 6.45 -2.60 -14.94
C CYS A 79 7.19 -2.40 -13.60
N PRO A 80 7.28 -1.20 -13.05
CA PRO A 80 8.00 -1.01 -11.77
C PRO A 80 7.26 -1.66 -10.58
N VAL A 81 5.93 -1.65 -10.63
CA VAL A 81 5.12 -2.25 -9.55
C VAL A 81 5.40 -3.76 -9.46
N PRO A 82 6.09 -4.23 -8.43
CA PRO A 82 6.42 -5.68 -8.30
C PRO A 82 5.19 -6.60 -8.34
N PHE A 83 4.24 -6.32 -7.46
CA PHE A 83 3.05 -7.16 -7.34
C PHE A 83 2.27 -7.26 -8.65
N CYS A 84 2.05 -6.12 -9.30
CA CYS A 84 1.29 -6.13 -10.55
C CYS A 84 1.85 -7.19 -11.49
N LEU A 85 3.17 -7.21 -11.62
CA LEU A 85 3.81 -8.19 -12.48
C LEU A 85 3.57 -9.60 -11.95
N ASN A 86 3.58 -9.75 -10.64
CA ASN A 86 3.39 -11.05 -10.02
C ASN A 86 1.99 -11.58 -10.29
N ILE A 87 1.02 -10.68 -10.43
CA ILE A 87 -0.36 -11.08 -10.69
C ILE A 87 -0.69 -11.04 -12.19
N LYS A 88 -0.39 -9.90 -12.83
CA LYS A 88 -0.69 -9.75 -14.26
C LYS A 88 0.30 -10.49 -15.17
N GLN A 89 1.59 -10.42 -14.83
CA GLN A 89 2.60 -11.09 -15.66
C GLN A 89 2.74 -12.55 -15.27
N LYS A 90 2.30 -12.87 -14.06
CA LYS A 90 2.38 -14.24 -13.52
C LYS A 90 2.45 -15.29 -14.63
N MET B 1 -29.52 -7.78 16.18
CA MET B 1 -30.44 -6.68 15.79
C MET B 1 -29.65 -5.38 15.68
N GLU B 2 -29.99 -4.57 14.67
CA GLU B 2 -29.30 -3.30 14.46
C GLU B 2 -29.51 -2.37 15.65
N GLU B 3 -28.44 -1.66 16.06
CA GLU B 3 -28.51 -0.72 17.17
C GLU B 3 -27.09 -0.38 17.66
N PRO B 4 -26.24 -1.38 17.83
CA PRO B 4 -24.85 -1.16 18.29
C PRO B 4 -24.11 -0.15 17.43
N GLN B 5 -24.41 -0.18 16.13
CA GLN B 5 -23.81 0.70 15.12
C GLN B 5 -22.61 0.03 14.48
N SER B 6 -22.86 -1.05 13.72
CA SER B 6 -21.81 -1.81 13.05
C SER B 6 -20.49 -1.03 12.96
N ASP B 7 -19.43 -1.62 13.51
CA ASP B 7 -18.11 -0.97 13.50
C ASP B 7 -17.24 -1.48 12.35
N PRO B 8 -17.38 -2.71 11.93
CA PRO B 8 -16.56 -3.28 10.83
C PRO B 8 -16.56 -2.41 9.56
N SER B 9 -17.70 -1.78 9.26
CA SER B 9 -17.82 -0.93 8.06
C SER B 9 -17.78 0.55 8.43
N VAL B 10 -18.02 0.83 9.70
CA VAL B 10 -18.01 2.21 10.18
C VAL B 10 -16.70 2.53 10.89
N GLU B 11 -15.68 2.87 10.11
CA GLU B 11 -14.36 3.17 10.65
C GLU B 11 -14.07 4.67 10.54
N PRO B 12 -14.35 5.45 11.56
CA PRO B 12 -14.13 6.94 11.52
C PRO B 12 -12.78 7.32 10.89
N PRO B 13 -12.76 7.79 9.67
CA PRO B 13 -11.50 8.20 8.99
C PRO B 13 -10.73 9.25 9.81
N LEU B 14 -9.46 8.98 10.07
CA LEU B 14 -8.62 9.90 10.83
C LEU B 14 -7.62 10.61 9.91
N SER B 15 -7.82 10.44 8.60
CA SER B 15 -6.94 11.04 7.59
C SER B 15 -5.75 10.12 7.32
N GLN B 16 -5.33 9.39 8.36
CA GLN B 16 -4.22 8.47 8.24
C GLN B 16 -4.74 7.04 8.37
N GLU B 17 -6.00 6.85 8.00
CA GLU B 17 -6.63 5.55 8.08
C GLU B 17 -5.69 4.45 7.62
N THR B 18 -5.22 4.56 6.37
CA THR B 18 -4.30 3.57 5.82
C THR B 18 -2.88 3.84 6.30
N PHE B 19 -2.39 5.06 6.06
CA PHE B 19 -1.04 5.42 6.46
C PHE B 19 -0.70 4.78 7.81
N SER B 20 -1.57 5.03 8.79
CA SER B 20 -1.39 4.49 10.14
C SER B 20 -0.70 3.13 10.10
N ASP B 21 -1.37 2.19 9.45
CA ASP B 21 -0.83 0.83 9.35
C ASP B 21 0.46 0.78 8.55
N LEU B 22 0.50 1.46 7.40
CA LEU B 22 1.68 1.40 6.54
C LEU B 22 2.99 1.43 7.31
N TRP B 23 3.32 2.56 7.95
CA TRP B 23 4.61 2.67 8.65
C TRP B 23 4.58 2.21 10.12
N LYS B 24 3.39 2.09 10.74
CA LYS B 24 3.33 1.69 12.16
C LYS B 24 3.21 0.17 12.34
N LEU B 25 2.91 -0.57 11.28
CA LEU B 25 2.80 -2.04 11.38
C LEU B 25 4.06 -2.71 10.82
N LEU B 26 5.19 -2.02 10.92
CA LEU B 26 6.46 -2.53 10.44
C LEU B 26 6.97 -3.63 11.41
N PRO B 27 7.13 -4.86 10.96
CA PRO B 27 7.62 -5.92 11.87
C PRO B 27 8.95 -5.53 12.48
N GLU B 28 9.96 -5.39 11.62
CA GLU B 28 11.32 -5.07 12.06
C GLU B 28 11.86 -3.82 11.37
N ASN B 29 12.40 -2.89 12.19
CA ASN B 29 13.03 -1.66 11.71
C ASN B 29 13.28 -1.72 10.21
N ASN B 30 12.29 -1.22 9.48
CA ASN B 30 12.29 -1.23 8.02
C ASN B 30 13.69 -1.44 7.44
N VAL B 31 13.76 -2.33 6.45
CA VAL B 31 15.02 -2.66 5.79
C VAL B 31 15.11 -1.94 4.44
N LEU B 32 16.28 -1.36 4.17
CA LEU B 32 16.49 -0.63 2.92
C LEU B 32 17.17 -1.53 1.89
N SER B 33 17.67 -2.68 2.34
CA SER B 33 18.35 -3.64 1.47
C SER B 33 17.85 -3.51 0.02
N PRO B 34 18.51 -2.72 -0.81
CA PRO B 34 18.06 -2.53 -2.22
C PRO B 34 18.39 -3.73 -3.09
N LEU B 35 17.61 -3.91 -4.16
CA LEU B 35 17.82 -5.02 -5.08
C LEU B 35 18.51 -4.54 -6.36
N PRO B 36 19.38 -5.33 -6.94
CA PRO B 36 20.09 -4.95 -8.19
C PRO B 36 19.16 -4.97 -9.40
N SER B 37 19.48 -4.15 -10.40
CA SER B 37 18.67 -4.04 -11.64
C SER B 37 17.68 -5.20 -11.77
N GLN B 38 16.53 -5.05 -11.13
CA GLN B 38 15.50 -6.09 -11.16
C GLN B 38 14.46 -5.78 -12.24
N ALA B 39 14.21 -4.50 -12.47
CA ALA B 39 13.24 -4.08 -13.49
C ALA B 39 13.95 -3.62 -14.76
#